data_6TDQ
#
_entry.id   6TDQ
#
_cell.length_a   58.643
_cell.length_b   84.124
_cell.length_c   83.716
_cell.angle_alpha   90.000
_cell.angle_beta   90.000
_cell.angle_gamma   90.000
#
_symmetry.space_group_name_H-M   'P 1 21 1'
#
loop_
_entity.id
_entity.type
_entity.pdbx_description
1 polymer 'MHC class I antigen'
2 polymer Beta-2-microglobulin
3 non-polymer 1,2-ETHANEDIOL
4 non-polymer GLYCINE
5 non-polymer METHIONINE
6 non-polymer 'CHLORIDE ION'
7 water water
#
loop_
_entity_poly.entity_id
_entity_poly.type
_entity_poly.pdbx_seq_one_letter_code
_entity_poly.pdbx_strand_id
1 'polypeptide(L)'
;AGSHSMRYFFTSVSRPGRGEPRFIAVGYVDDTQFVRFDSDAASQRMEPRAPWIEQEGPEYWDGETRKVKAHSQTHRVDLG
TLRGCYNQSEAGSHTVQRMYGCDVGSDWRFLRGYHQYAYDGKDYIALKEDLRSWTAADMCAQTTKHKWEAAHVAEQLRAY
LEGTCVEWLRRYLENGKETLQRTDAPKTHMTHHAVSDHEATLRCWALSFYPAEITLTWQRDGEDQTQDTELVETRPAGDG
TFQKWVAVVVPSGQEQRYTCHVQHEGLPKPLTLRWE
;
A,C
2 'polypeptide(L)'
;MIQRTPKIQVYSRHPAENGKSNFLNCYVSGFHPSDIEVDLLKNGERIEKVEHSDLSFSKDWSFYLLYYTEFTPTEKDEYA
CRVNHVTLSQPKIVKWDRDM
;
B,D
#
loop_
_chem_comp.id
_chem_comp.type
_chem_comp.name
_chem_comp.formula
CL non-polymer 'CHLORIDE ION' 'Cl -1'
EDO non-polymer 1,2-ETHANEDIOL 'C2 H6 O2'
#
# COMPACT_ATOMS: atom_id res chain seq x y z
N GLY A 2 -5.50 1.71 6.97
CA GLY A 2 -4.40 2.69 7.20
C GLY A 2 -3.15 2.29 6.44
N SER A 3 -2.42 3.28 5.91
CA SER A 3 -1.12 3.03 5.27
C SER A 3 -0.06 2.72 6.32
N HIS A 4 1.00 2.03 5.88
CA HIS A 4 2.02 1.60 6.80
C HIS A 4 3.39 1.76 6.14
N SER A 5 4.40 1.80 6.99
CA SER A 5 5.73 2.00 6.55
C SER A 5 6.68 1.10 7.34
N MET A 6 7.84 0.78 6.74
CA MET A 6 8.93 0.28 7.43
C MET A 6 10.13 1.16 7.11
N ARG A 7 10.86 1.56 8.16
CA ARG A 7 12.03 2.42 7.98
C ARG A 7 13.17 1.99 8.89
N TYR A 8 14.38 2.11 8.36
CA TYR A 8 15.60 2.02 9.04
C TYR A 8 16.28 3.38 9.01
N PHE A 9 16.84 3.69 10.17
CA PHE A 9 17.53 4.94 10.45
C PHE A 9 18.90 4.61 11.03
N PHE A 10 19.95 5.09 10.35
CA PHE A 10 21.29 4.88 10.75
C PHE A 10 21.93 6.23 11.06
N THR A 11 22.70 6.27 12.17
CA THR A 11 23.44 7.44 12.59
C THR A 11 24.87 7.05 12.86
N SER A 12 25.81 7.67 12.17
CA SER A 12 27.21 7.44 12.34
C SER A 12 27.90 8.76 12.71
N VAL A 13 28.63 8.82 13.83
CA VAL A 13 29.24 10.01 14.39
C VAL A 13 30.73 9.75 14.62
N SER A 14 31.56 10.55 13.95
CA SER A 14 32.96 10.49 14.24
C SER A 14 33.30 11.14 15.61
N ARG A 15 34.34 10.61 16.23
CA ARG A 15 34.81 11.17 17.54
C ARG A 15 36.33 11.07 17.59
N PRO A 16 37.03 11.87 16.77
CA PRO A 16 38.47 11.68 16.55
C PRO A 16 39.24 11.66 17.88
N GLY A 17 40.06 10.63 18.07
CA GLY A 17 40.85 10.43 19.31
C GLY A 17 40.07 9.83 20.47
N ARG A 18 38.78 9.52 20.29
CA ARG A 18 37.92 9.04 21.36
C ARG A 18 37.21 7.76 20.92
N GLY A 19 37.82 7.02 20.01
CA GLY A 19 37.25 5.78 19.54
C GLY A 19 36.96 5.82 18.05
N GLU A 20 36.58 4.64 17.54
CA GLU A 20 36.00 4.51 16.23
C GLU A 20 34.64 5.19 16.24
N PRO A 21 34.09 5.56 15.07
CA PRO A 21 32.80 6.26 15.04
C PRO A 21 31.67 5.47 15.73
N ARG A 22 30.81 6.23 16.41
CA ARG A 22 29.62 5.68 17.05
C ARG A 22 28.62 5.35 15.95
N PHE A 23 28.02 4.16 16.01
CA PHE A 23 27.05 3.79 15.02
C PHE A 23 25.78 3.27 15.69
N ILE A 24 24.65 3.87 15.35
CA ILE A 24 23.38 3.48 15.92
C ILE A 24 22.41 3.24 14.80
N ALA A 25 21.73 2.10 14.83
CA ALA A 25 20.73 1.73 13.89
C ALA A 25 19.43 1.39 14.63
N VAL A 26 18.32 1.86 14.07
CA VAL A 26 16.98 1.56 14.56
C VAL A 26 16.08 1.24 13.37
N GLY A 27 15.16 0.30 13.61
CA GLY A 27 14.13 -0.04 12.68
C GLY A 27 12.76 0.24 13.27
N TYR A 28 11.88 0.77 12.43
CA TYR A 28 10.50 1.11 12.79
C TYR A 28 9.53 0.49 11.80
N VAL A 29 8.36 0.10 12.35
CA VAL A 29 7.22 -0.12 11.55
C VAL A 29 6.20 0.93 12.01
N ASP A 30 5.75 1.76 11.07
CA ASP A 30 4.92 2.92 11.37
C ASP A 30 5.65 3.68 12.49
N ASP A 31 4.96 3.97 13.62
CA ASP A 31 5.51 4.71 14.68
C ASP A 31 6.07 3.80 15.78
N THR A 32 6.27 2.48 15.51
CA THR A 32 6.67 1.55 16.53
C THR A 32 8.07 1.04 16.22
N GLN A 33 9.04 1.29 17.11
CA GLN A 33 10.36 0.78 16.97
C GLN A 33 10.34 -0.72 17.21
N PHE A 34 11.16 -1.46 16.45
CA PHE A 34 11.19 -2.92 16.67
C PHE A 34 12.62 -3.51 16.78
N VAL A 35 13.68 -2.84 16.31
CA VAL A 35 15.03 -3.36 16.49
C VAL A 35 16.02 -2.22 16.70
N ARG A 36 17.16 -2.56 17.29
CA ARG A 36 18.24 -1.64 17.41
C ARG A 36 19.59 -2.34 17.34
N PHE A 37 20.58 -1.55 16.95
CA PHE A 37 21.97 -1.83 17.14
C PHE A 37 22.70 -0.59 17.62
N ASP A 38 23.61 -0.79 18.56
CA ASP A 38 24.47 0.26 19.08
C ASP A 38 25.90 -0.25 19.17
N SER A 39 26.78 0.36 18.35
CA SER A 39 28.16 -0.09 18.27
C SER A 39 28.90 -0.02 19.62
N ASP A 40 28.43 0.80 20.56
CA ASP A 40 29.11 0.96 21.84
C ASP A 40 28.59 -0.04 22.87
N ALA A 41 27.50 -0.74 22.56
CA ALA A 41 26.90 -1.70 23.49
C ALA A 41 27.74 -2.98 23.55
N ALA A 42 27.57 -3.71 24.65
CA ALA A 42 28.34 -4.95 24.93
C ALA A 42 27.97 -6.06 23.93
N SER A 43 26.69 -6.21 23.61
CA SER A 43 26.22 -7.41 22.93
C SER A 43 26.80 -7.54 21.51
N GLN A 44 26.97 -6.40 20.81
CA GLN A 44 27.35 -6.41 19.41
C GLN A 44 26.39 -7.25 18.56
N ARG A 45 25.09 -7.21 18.93
CA ARG A 45 24.04 -7.85 18.23
C ARG A 45 22.94 -6.87 17.87
N MET A 46 22.29 -7.11 16.73
CA MET A 46 20.97 -6.56 16.50
CA MET A 46 20.97 -6.53 16.49
C MET A 46 20.05 -7.12 17.58
N GLU A 47 19.27 -6.22 18.23
CA GLU A 47 18.46 -6.61 19.40
C GLU A 47 17.00 -6.27 19.19
N PRO A 48 16.07 -7.07 19.74
CA PRO A 48 14.64 -6.78 19.66
C PRO A 48 14.20 -5.63 20.58
N ARG A 49 13.25 -4.85 20.09
CA ARG A 49 12.69 -3.72 20.81
C ARG A 49 11.15 -3.65 20.70
N ALA A 50 10.50 -4.63 20.08
CA ALA A 50 9.06 -4.82 20.13
C ALA A 50 8.77 -6.29 20.40
N PRO A 51 7.74 -6.61 21.18
CA PRO A 51 7.52 -8.01 21.54
C PRO A 51 7.35 -8.89 20.29
N TRP A 52 6.72 -8.34 19.24
CA TRP A 52 6.33 -9.15 18.08
C TRP A 52 7.50 -9.56 17.16
N ILE A 53 8.70 -9.00 17.38
CA ILE A 53 9.87 -9.40 16.63
C ILE A 53 10.63 -10.51 17.40
N GLU A 54 10.33 -10.70 18.67
CA GLU A 54 11.12 -11.63 19.54
C GLU A 54 11.10 -13.04 18.93
N GLN A 55 10.01 -13.38 18.22
CA GLN A 55 9.76 -14.74 17.73
C GLN A 55 10.67 -15.08 16.55
N GLU A 56 11.24 -14.07 15.87
CA GLU A 56 12.15 -14.36 14.79
C GLU A 56 13.28 -15.29 15.24
N GLY A 57 13.66 -16.19 14.32
CA GLY A 57 14.64 -17.23 14.59
C GLY A 57 16.09 -16.77 14.50
N PRO A 58 17.05 -17.68 14.74
CA PRO A 58 18.47 -17.31 14.78
C PRO A 58 19.05 -16.84 13.43
N GLU A 59 18.47 -17.34 12.31
CA GLU A 59 18.93 -16.92 11.00
C GLU A 59 18.67 -15.40 10.87
N TYR A 60 17.51 -14.98 11.43
CA TYR A 60 17.12 -13.56 11.39
C TYR A 60 18.13 -12.69 12.16
N TRP A 61 18.34 -13.01 13.43
CA TRP A 61 19.24 -12.23 14.30
C TRP A 61 20.66 -12.28 13.79
N ASP A 62 21.12 -13.46 13.32
CA ASP A 62 22.48 -13.49 12.75
C ASP A 62 22.59 -12.65 11.47
N GLY A 63 21.61 -12.77 10.59
CA GLY A 63 21.58 -12.04 9.34
C GLY A 63 21.54 -10.52 9.55
N GLU A 64 20.67 -10.08 10.44
CA GLU A 64 20.47 -8.63 10.65
C GLU A 64 21.74 -8.11 11.32
N THR A 65 22.34 -8.91 12.18
CA THR A 65 23.56 -8.51 12.85
C THR A 65 24.68 -8.32 11.81
N ARG A 66 24.87 -9.30 10.93
CA ARG A 66 25.87 -9.23 9.86
C ARG A 66 25.64 -7.99 8.98
N LYS A 67 24.39 -7.75 8.56
N LYS A 67 24.39 -7.75 8.56
CA LYS A 67 24.06 -6.61 7.69
CA LYS A 67 24.06 -6.61 7.68
C LYS A 67 24.37 -5.30 8.43
C LYS A 67 24.35 -5.29 8.42
N VAL A 68 23.91 -5.18 9.69
CA VAL A 68 24.06 -3.88 10.37
C VAL A 68 25.54 -3.54 10.59
N LYS A 69 26.36 -4.57 10.90
CA LYS A 69 27.81 -4.37 11.10
C LYS A 69 28.45 -3.93 9.77
N ALA A 70 28.03 -4.57 8.68
CA ALA A 70 28.54 -4.22 7.37
C ALA A 70 28.19 -2.76 7.06
N HIS A 71 26.96 -2.33 7.36
CA HIS A 71 26.59 -0.93 7.22
C HIS A 71 27.41 -0.01 8.13
N SER A 72 27.71 -0.43 9.36
CA SER A 72 28.56 0.40 10.24
C SER A 72 29.92 0.64 9.58
N GLN A 73 30.47 -0.40 8.93
CA GLN A 73 31.79 -0.29 8.34
C GLN A 73 31.78 0.66 7.12
N THR A 74 30.74 0.57 6.26
N THR A 74 30.74 0.55 6.27
CA THR A 74 30.67 1.45 5.10
CA THR A 74 30.61 1.44 5.11
C THR A 74 30.57 2.90 5.59
C THR A 74 30.57 2.90 5.59
N HIS A 75 29.75 3.16 6.60
CA HIS A 75 29.61 4.52 7.13
C HIS A 75 30.92 5.03 7.80
N ARG A 76 31.73 4.14 8.40
CA ARG A 76 32.98 4.51 8.97
C ARG A 76 33.87 5.04 7.84
N VAL A 77 33.93 4.30 6.73
N VAL A 77 33.94 4.29 6.73
CA VAL A 77 34.75 4.78 5.62
CA VAL A 77 34.69 4.73 5.54
C VAL A 77 34.15 6.05 4.99
C VAL A 77 34.14 6.06 5.00
N ASP A 78 32.81 6.14 4.92
CA ASP A 78 32.13 7.34 4.37
C ASP A 78 32.55 8.62 5.12
N LEU A 79 32.70 8.55 6.45
CA LEU A 79 33.10 9.72 7.24
C LEU A 79 34.44 10.29 6.78
N GLY A 80 35.35 9.42 6.39
CA GLY A 80 36.67 9.80 5.83
C GLY A 80 36.54 10.39 4.42
N THR A 81 35.71 9.78 3.57
CA THR A 81 35.48 10.27 2.19
C THR A 81 34.92 11.70 2.23
N LEU A 82 33.91 11.90 3.10
CA LEU A 82 33.25 13.17 3.20
C LEU A 82 34.18 14.21 3.82
N ARG A 83 34.84 13.89 4.94
CA ARG A 83 35.84 14.88 5.52
C ARG A 83 36.81 15.35 4.40
N GLY A 84 37.39 14.39 3.64
CA GLY A 84 38.30 14.67 2.53
C GLY A 84 37.66 15.58 1.47
N CYS A 85 36.42 15.25 1.06
CA CYS A 85 35.80 16.00 -0.04
C CYS A 85 35.52 17.46 0.36
N TYR A 86 35.05 17.67 1.59
CA TYR A 86 34.72 18.97 2.12
C TYR A 86 35.98 19.66 2.70
N ASN A 87 37.15 19.01 2.64
CA ASN A 87 38.43 19.57 3.13
C ASN A 87 38.29 20.04 4.59
N GLN A 88 37.75 19.15 5.41
CA GLN A 88 37.52 19.41 6.81
C GLN A 88 38.68 18.86 7.63
N SER A 89 38.88 19.51 8.78
N SER A 89 38.86 19.49 8.79
CA SER A 89 39.89 19.07 9.69
CA SER A 89 39.83 19.07 9.75
C SER A 89 39.59 17.65 10.18
C SER A 89 39.58 17.62 10.19
N GLU A 90 40.67 16.93 10.51
N GLU A 90 40.66 16.90 10.48
CA GLU A 90 40.66 15.58 11.15
CA GLU A 90 40.62 15.57 11.13
C GLU A 90 40.15 15.65 12.60
C GLU A 90 40.18 15.65 12.60
N ALA A 91 40.22 16.83 13.23
CA ALA A 91 39.92 16.94 14.67
C ALA A 91 38.41 16.86 14.98
N GLY A 92 37.58 17.37 14.07
CA GLY A 92 36.17 17.65 14.38
C GLY A 92 35.32 16.38 14.28
N SER A 93 34.24 16.35 15.06
CA SER A 93 33.19 15.34 14.98
C SER A 93 32.18 15.74 13.88
N HIS A 94 31.82 14.76 13.07
CA HIS A 94 30.83 14.83 11.98
C HIS A 94 29.83 13.69 12.04
N THR A 95 28.69 13.89 11.35
CA THR A 95 27.57 12.97 11.38
C THR A 95 27.16 12.61 9.95
N VAL A 96 27.01 11.30 9.74
CA VAL A 96 26.34 10.75 8.58
C VAL A 96 25.02 10.13 9.06
N GLN A 97 23.94 10.41 8.33
CA GLN A 97 22.65 9.76 8.59
C GLN A 97 22.20 9.12 7.30
N ARG A 98 21.53 8.01 7.44
CA ARG A 98 20.88 7.35 6.33
C ARG A 98 19.50 6.90 6.80
N MET A 99 18.53 7.04 5.91
CA MET A 99 17.19 6.51 6.07
C MET A 99 16.78 5.81 4.78
N TYR A 100 16.21 4.63 4.94
CA TYR A 100 15.53 3.99 3.81
C TYR A 100 14.35 3.19 4.29
N GLY A 101 13.52 2.86 3.31
CA GLY A 101 12.36 1.97 3.56
C GLY A 101 11.23 2.21 2.57
N CYS A 102 10.08 1.65 2.93
CA CYS A 102 8.99 1.54 2.03
C CYS A 102 7.68 1.84 2.76
N ASP A 103 6.76 2.37 1.97
CA ASP A 103 5.40 2.60 2.38
C ASP A 103 4.53 1.64 1.60
N VAL A 104 3.49 1.11 2.27
CA VAL A 104 2.43 0.42 1.61
C VAL A 104 1.12 1.09 2.01
N GLY A 105 0.09 0.86 1.21
CA GLY A 105 -1.23 1.32 1.53
C GLY A 105 -1.99 0.38 2.46
N SER A 106 -3.25 0.73 2.70
CA SER A 106 -4.23 -0.07 3.42
C SER A 106 -4.24 -1.53 2.96
N ASP A 107 -3.95 -1.76 1.67
CA ASP A 107 -3.99 -3.08 0.99
C ASP A 107 -2.63 -3.81 1.05
N TRP A 108 -1.65 -3.22 1.73
CA TRP A 108 -0.31 -3.77 1.89
C TRP A 108 0.44 -3.86 0.54
N ARG A 109 0.05 -3.07 -0.46
N ARG A 109 0.05 -3.06 -0.45
CA ARG A 109 0.78 -3.00 -1.73
CA ARG A 109 0.79 -2.99 -1.71
C ARG A 109 1.71 -1.77 -1.74
C ARG A 109 1.71 -1.77 -1.74
N PHE A 110 2.84 -1.91 -2.44
CA PHE A 110 3.87 -0.86 -2.55
C PHE A 110 3.23 0.48 -2.93
N LEU A 111 3.54 1.53 -2.16
CA LEU A 111 3.19 2.93 -2.48
C LEU A 111 4.43 3.71 -2.96
N ARG A 112 5.47 3.70 -2.13
CA ARG A 112 6.66 4.53 -2.32
C ARG A 112 7.85 3.91 -1.58
N GLY A 113 9.04 4.22 -2.08
CA GLY A 113 10.27 3.89 -1.46
C GLY A 113 11.15 5.12 -1.29
N TYR A 114 12.04 5.02 -0.32
CA TYR A 114 12.95 6.06 0.06
C TYR A 114 14.33 5.46 0.30
N HIS A 115 15.37 6.25 0.01
CA HIS A 115 16.72 5.93 0.38
C HIS A 115 17.56 7.21 0.29
N GLN A 116 18.03 7.72 1.43
CA GLN A 116 18.55 9.07 1.42
C GLN A 116 19.51 9.26 2.60
N TYR A 117 20.37 10.25 2.42
CA TYR A 117 21.50 10.50 3.27
C TYR A 117 21.59 11.98 3.62
N ALA A 118 22.15 12.25 4.81
CA ALA A 118 22.55 13.58 5.23
C ALA A 118 23.97 13.52 5.78
N TYR A 119 24.67 14.66 5.66
CA TYR A 119 25.97 14.87 6.25
C TYR A 119 25.88 16.16 7.05
N ASP A 120 26.25 16.04 8.33
CA ASP A 120 26.19 17.19 9.28
C ASP A 120 24.83 17.88 9.21
N GLY A 121 23.76 17.08 9.21
CA GLY A 121 22.41 17.60 9.36
C GLY A 121 21.76 18.21 8.10
N LYS A 122 22.43 18.14 6.95
CA LYS A 122 22.04 18.71 5.66
C LYS A 122 21.82 17.56 4.68
N ASP A 123 20.74 17.61 3.90
CA ASP A 123 20.58 16.66 2.74
C ASP A 123 21.90 16.57 1.96
N TYR A 124 22.28 15.32 1.67
CA TYR A 124 23.52 15.03 0.93
C TYR A 124 23.12 14.44 -0.46
N ILE A 125 22.53 13.24 -0.44
CA ILE A 125 22.06 12.60 -1.68
C ILE A 125 20.79 11.81 -1.34
N ALA A 126 19.84 11.81 -2.26
CA ALA A 126 18.54 11.07 -2.08
C ALA A 126 18.11 10.42 -3.38
N LEU A 127 17.61 9.21 -3.27
CA LEU A 127 16.91 8.57 -4.36
C LEU A 127 15.57 9.28 -4.55
N LYS A 128 15.26 9.68 -5.78
CA LYS A 128 13.99 10.27 -6.16
C LYS A 128 12.90 9.20 -6.11
N GLU A 129 11.64 9.69 -6.17
CA GLU A 129 10.47 8.85 -6.04
C GLU A 129 10.46 7.76 -7.13
N ASP A 130 11.02 8.07 -8.30
CA ASP A 130 11.02 7.06 -9.40
C ASP A 130 11.96 5.90 -9.13
N LEU A 131 12.83 6.03 -8.10
CA LEU A 131 13.80 5.02 -7.67
C LEU A 131 14.82 4.72 -8.78
N ARG A 132 15.03 5.71 -9.66
CA ARG A 132 15.87 5.54 -10.83
C ARG A 132 16.93 6.64 -10.93
N SER A 133 16.77 7.71 -10.16
CA SER A 133 17.55 8.93 -10.32
C SER A 133 17.81 9.52 -8.93
N TRP A 134 18.81 10.40 -8.85
CA TRP A 134 19.30 10.98 -7.57
C TRP A 134 19.20 12.48 -7.53
N THR A 135 18.92 12.98 -6.32
CA THR A 135 19.01 14.35 -5.95
C THR A 135 20.28 14.56 -5.15
N ALA A 136 21.18 15.38 -5.67
CA ALA A 136 22.47 15.69 -5.09
C ALA A 136 22.73 17.20 -5.28
N ALA A 137 22.59 17.99 -4.21
CA ALA A 137 22.82 19.45 -4.39
C ALA A 137 24.30 19.78 -4.43
N ASP A 138 25.07 19.38 -3.39
CA ASP A 138 26.33 20.00 -3.45
C ASP A 138 27.29 19.20 -4.32
N MET A 139 28.42 19.82 -4.63
N MET A 139 28.42 19.84 -4.62
CA MET A 139 29.36 19.22 -5.59
CA MET A 139 29.41 19.25 -5.54
C MET A 139 29.88 17.87 -5.05
C MET A 139 29.87 17.88 -5.05
N CYS A 140 30.14 17.73 -3.73
CA CYS A 140 30.63 16.48 -3.15
C CYS A 140 29.60 15.36 -3.41
N ALA A 141 28.33 15.68 -3.24
CA ALA A 141 27.26 14.70 -3.48
C ALA A 141 27.09 14.38 -5.00
N GLN A 142 27.39 15.35 -5.88
N GLN A 142 27.40 15.34 -5.89
CA GLN A 142 27.37 15.09 -7.33
CA GLN A 142 27.37 15.07 -7.33
C GLN A 142 28.46 14.07 -7.69
C GLN A 142 28.46 14.07 -7.70
N THR A 143 29.63 14.19 -7.05
CA THR A 143 30.72 13.20 -7.25
C THR A 143 30.20 11.81 -6.85
N THR A 144 29.57 11.71 -5.64
CA THR A 144 28.99 10.44 -5.24
C THR A 144 28.01 9.92 -6.31
N LYS A 145 27.13 10.82 -6.77
CA LYS A 145 26.13 10.51 -7.75
C LYS A 145 26.75 9.91 -9.03
N HIS A 146 27.86 10.51 -9.49
CA HIS A 146 28.59 9.98 -10.67
C HIS A 146 28.95 8.52 -10.41
N LYS A 147 29.51 8.22 -9.22
CA LYS A 147 29.99 6.93 -8.88
C LYS A 147 28.82 5.94 -8.77
N TRP A 148 27.72 6.37 -8.16
CA TRP A 148 26.55 5.53 -7.97
C TRP A 148 25.81 5.28 -9.29
N GLU A 149 25.89 6.21 -10.23
CA GLU A 149 25.31 6.01 -11.55
C GLU A 149 26.12 4.93 -12.29
N ALA A 150 27.44 5.08 -12.27
CA ALA A 150 28.28 4.16 -12.99
C ALA A 150 28.19 2.76 -12.43
N ALA A 151 27.94 2.65 -11.12
CA ALA A 151 27.84 1.35 -10.40
C ALA A 151 26.40 0.80 -10.38
N HIS A 152 25.44 1.50 -10.98
CA HIS A 152 24.02 1.05 -11.03
C HIS A 152 23.48 0.77 -9.63
N VAL A 153 23.85 1.60 -8.68
CA VAL A 153 23.40 1.46 -7.28
C VAL A 153 21.86 1.54 -7.20
N ALA A 154 21.24 2.51 -7.90
CA ALA A 154 19.78 2.76 -7.82
C ALA A 154 19.01 1.48 -8.11
N GLU A 155 19.49 0.69 -9.07
N GLU A 155 19.49 0.70 -9.08
CA GLU A 155 18.72 -0.48 -9.50
CA GLU A 155 18.75 -0.48 -9.50
C GLU A 155 18.66 -1.49 -8.35
C GLU A 155 18.66 -1.46 -8.34
N GLN A 156 19.78 -1.65 -7.63
CA GLN A 156 19.83 -2.60 -6.49
C GLN A 156 18.88 -2.13 -5.37
N LEU A 157 18.91 -0.84 -5.13
CA LEU A 157 18.08 -0.26 -4.05
C LEU A 157 16.59 -0.40 -4.38
N ARG A 158 16.23 -0.07 -5.63
CA ARG A 158 14.82 -0.18 -6.11
C ARG A 158 14.31 -1.62 -5.91
N ALA A 159 15.12 -2.63 -6.21
CA ALA A 159 14.71 -4.04 -6.07
C ALA A 159 14.37 -4.41 -4.61
N TYR A 160 15.15 -3.89 -3.66
CA TYR A 160 14.88 -4.09 -2.24
C TYR A 160 13.57 -3.39 -1.85
N LEU A 161 13.48 -2.11 -2.22
CA LEU A 161 12.40 -1.28 -1.74
C LEU A 161 11.04 -1.80 -2.24
N GLU A 162 10.98 -2.22 -3.50
CA GLU A 162 9.71 -2.72 -4.10
C GLU A 162 9.40 -4.18 -3.73
N GLY A 163 10.41 -4.96 -3.33
CA GLY A 163 10.23 -6.37 -3.10
C GLY A 163 10.37 -6.74 -1.63
N THR A 164 11.59 -7.06 -1.24
CA THR A 164 11.93 -7.60 0.06
C THR A 164 11.35 -6.72 1.19
N CYS A 165 11.58 -5.40 1.07
CA CYS A 165 11.05 -4.40 2.06
C CYS A 165 9.56 -4.62 2.34
N VAL A 166 8.80 -4.70 1.27
CA VAL A 166 7.32 -4.94 1.34
C VAL A 166 6.97 -6.30 1.98
N GLU A 167 7.75 -7.34 1.66
CA GLU A 167 7.57 -8.67 2.27
C GLU A 167 7.78 -8.64 3.78
N TRP A 168 8.83 -7.97 4.24
CA TRP A 168 9.12 -7.88 5.66
C TRP A 168 8.00 -7.08 6.34
N LEU A 169 7.58 -5.98 5.70
CA LEU A 169 6.57 -5.07 6.28
C LEU A 169 5.31 -5.89 6.52
N ARG A 170 4.92 -6.69 5.53
CA ARG A 170 3.71 -7.56 5.66
C ARG A 170 3.84 -8.54 6.83
N ARG A 171 4.97 -9.23 6.92
CA ARG A 171 5.20 -10.21 8.00
C ARG A 171 5.05 -9.55 9.38
N TYR A 172 5.66 -8.38 9.56
CA TYR A 172 5.68 -7.70 10.87
C TYR A 172 4.28 -7.20 11.22
N LEU A 173 3.58 -6.69 10.22
CA LEU A 173 2.27 -6.14 10.47
C LEU A 173 1.34 -7.26 10.95
N GLU A 174 1.57 -8.47 10.44
CA GLU A 174 0.74 -9.62 10.81
C GLU A 174 1.15 -10.10 12.19
N ASN A 175 2.45 -10.29 12.40
CA ASN A 175 2.94 -10.80 13.67
C ASN A 175 2.57 -9.81 14.77
N GLY A 176 2.55 -8.51 14.42
CA GLY A 176 2.29 -7.46 15.36
C GLY A 176 0.89 -6.90 15.25
N LYS A 177 -0.07 -7.64 14.68
CA LYS A 177 -1.31 -6.98 14.23
C LYS A 177 -2.11 -6.39 15.39
N GLU A 178 -2.01 -6.98 16.58
CA GLU A 178 -2.79 -6.46 17.75
C GLU A 178 -2.36 -5.01 18.10
N THR A 179 -1.07 -4.75 17.96
CA THR A 179 -0.43 -3.43 18.14
C THR A 179 -0.62 -2.51 16.93
N LEU A 180 -0.16 -2.98 15.76
CA LEU A 180 0.09 -2.19 14.61
C LEU A 180 -1.20 -1.91 13.82
N GLN A 181 -2.21 -2.80 13.89
CA GLN A 181 -3.41 -2.67 13.08
C GLN A 181 -4.54 -2.27 14.02
N ARG A 182 -4.25 -1.33 14.91
CA ARG A 182 -5.22 -0.83 15.86
C ARG A 182 -5.38 0.67 15.55
N THR A 183 -6.52 1.20 15.96
CA THR A 183 -6.70 2.65 16.09
C THR A 183 -7.19 2.94 17.50
N ASP A 184 -6.51 3.86 18.20
CA ASP A 184 -6.97 4.40 19.48
C ASP A 184 -7.35 5.89 19.22
N ALA A 185 -8.66 6.19 19.30
CA ALA A 185 -9.13 7.58 19.13
C ALA A 185 -8.61 8.45 20.27
N PRO A 186 -8.23 9.73 20.00
CA PRO A 186 -7.80 10.62 21.08
C PRO A 186 -8.92 10.89 22.10
N LYS A 187 -8.53 10.90 23.39
N LYS A 187 -8.53 10.93 23.38
CA LYS A 187 -9.36 11.46 24.44
CA LYS A 187 -9.35 11.47 24.44
C LYS A 187 -9.05 12.96 24.50
C LYS A 187 -9.04 12.96 24.50
N THR A 188 -10.05 13.80 24.22
CA THR A 188 -9.84 15.26 24.00
C THR A 188 -10.48 16.05 25.13
N HIS A 189 -9.87 17.19 25.42
CA HIS A 189 -10.48 18.20 26.33
C HIS A 189 -9.69 19.49 26.14
N MET A 190 -10.22 20.57 26.69
CA MET A 190 -9.47 21.86 26.72
C MET A 190 -9.30 22.27 28.19
N THR A 191 -8.19 22.91 28.47
CA THR A 191 -7.95 23.52 29.76
C THR A 191 -7.88 25.04 29.61
N HIS A 192 -8.23 25.73 30.70
CA HIS A 192 -8.20 27.19 30.85
C HIS A 192 -7.35 27.54 32.08
N HIS A 193 -6.38 28.44 31.94
CA HIS A 193 -5.61 28.94 33.07
C HIS A 193 -5.37 30.45 32.92
N ALA A 194 -5.66 31.20 33.99
CA ALA A 194 -5.50 32.65 33.90
C ALA A 194 -4.03 32.95 34.12
N VAL A 195 -3.42 33.63 33.15
CA VAL A 195 -2.03 34.04 33.19
C VAL A 195 -1.92 35.31 34.03
N SER A 196 -3.03 36.06 34.07
CA SER A 196 -3.15 37.32 34.77
C SER A 196 -4.63 37.65 34.88
N ASP A 197 -4.93 38.90 35.25
CA ASP A 197 -6.30 39.40 35.39
C ASP A 197 -6.93 39.63 34.00
N HIS A 198 -6.12 39.71 32.93
CA HIS A 198 -6.64 40.11 31.64
C HIS A 198 -6.34 39.11 30.51
N GLU A 199 -5.61 38.00 30.75
CA GLU A 199 -5.44 37.02 29.68
C GLU A 199 -5.41 35.61 30.25
N ALA A 200 -5.83 34.66 29.40
CA ALA A 200 -5.95 33.23 29.78
C ALA A 200 -5.30 32.39 28.68
N THR A 201 -4.65 31.31 29.10
CA THR A 201 -4.14 30.27 28.22
C THR A 201 -5.23 29.22 28.05
N LEU A 202 -5.64 28.97 26.79
CA LEU A 202 -6.47 27.87 26.44
C LEU A 202 -5.59 26.81 25.79
N ARG A 203 -5.71 25.60 26.27
CA ARG A 203 -4.89 24.48 25.79
C ARG A 203 -5.83 23.34 25.41
N CYS A 204 -5.73 22.89 24.15
CA CYS A 204 -6.53 21.83 23.61
C CYS A 204 -5.67 20.58 23.59
N TRP A 205 -6.14 19.53 24.25
CA TRP A 205 -5.43 18.28 24.50
C TRP A 205 -6.01 17.12 23.69
N ALA A 206 -5.07 16.30 23.14
CA ALA A 206 -5.36 14.97 22.58
C ALA A 206 -4.44 13.97 23.29
N LEU A 207 -5.08 13.00 23.95
CA LEU A 207 -4.34 11.98 24.75
C LEU A 207 -4.66 10.56 24.30
N SER A 208 -3.71 9.65 24.53
N SER A 208 -3.69 9.67 24.51
CA SER A 208 -3.96 8.19 24.39
CA SER A 208 -3.87 8.21 24.38
C SER A 208 -4.36 7.79 22.96
C SER A 208 -4.34 7.80 22.97
N PHE A 209 -3.72 8.38 21.93
CA PHE A 209 -4.12 8.11 20.55
C PHE A 209 -3.03 7.36 19.77
N TYR A 210 -3.52 6.66 18.73
CA TYR A 210 -2.72 5.80 17.86
C TYR A 210 -3.51 5.58 16.57
N PRO A 211 -2.88 5.82 15.43
CA PRO A 211 -1.47 6.18 15.29
C PRO A 211 -1.18 7.67 15.60
N ALA A 212 0.06 8.11 15.37
CA ALA A 212 0.56 9.42 15.77
C ALA A 212 -0.04 10.57 14.96
N GLU A 213 -0.40 10.35 13.69
CA GLU A 213 -0.94 11.43 12.87
C GLU A 213 -2.23 12.00 13.47
N ILE A 214 -2.26 13.32 13.63
CA ILE A 214 -3.34 14.08 14.14
C ILE A 214 -3.21 15.54 13.72
N THR A 215 -4.36 16.23 13.68
CA THR A 215 -4.39 17.63 13.49
C THR A 215 -5.22 18.27 14.59
N LEU A 216 -4.60 19.27 15.23
CA LEU A 216 -5.23 20.10 16.24
C LEU A 216 -5.14 21.55 15.76
N THR A 217 -6.27 22.27 15.70
CA THR A 217 -6.23 23.63 15.32
C THR A 217 -7.26 24.43 16.11
N TRP A 218 -6.96 25.69 16.33
CA TRP A 218 -7.86 26.63 16.95
C TRP A 218 -8.51 27.53 15.90
N GLN A 219 -9.77 27.90 16.15
CA GLN A 219 -10.44 28.95 15.44
C GLN A 219 -10.94 29.98 16.46
N ARG A 220 -10.99 31.24 16.01
CA ARG A 220 -11.62 32.33 16.70
C ARG A 220 -12.79 32.83 15.83
N ASP A 221 -14.00 32.65 16.33
CA ASP A 221 -15.23 32.95 15.52
C ASP A 221 -15.08 32.33 14.12
N GLY A 222 -14.57 31.10 14.04
CA GLY A 222 -14.47 30.36 12.79
C GLY A 222 -13.24 30.66 11.96
N GLU A 223 -12.40 31.61 12.39
CA GLU A 223 -11.19 31.98 11.68
C GLU A 223 -9.99 31.21 12.24
N ASP A 224 -9.26 30.52 11.35
CA ASP A 224 -8.09 29.73 11.73
C ASP A 224 -7.07 30.62 12.44
N GLN A 225 -6.52 30.10 13.56
CA GLN A 225 -5.54 30.85 14.40
C GLN A 225 -4.13 30.24 14.38
N THR A 226 -3.74 29.53 13.34
CA THR A 226 -2.47 28.75 13.36
C THR A 226 -1.26 29.67 13.65
N GLN A 227 -1.29 30.89 13.12
CA GLN A 227 -0.23 31.90 13.36
C GLN A 227 -0.08 32.31 14.83
N ASP A 228 -1.14 32.15 15.63
CA ASP A 228 -1.12 32.57 17.02
C ASP A 228 -1.09 31.35 17.95
N THR A 229 -1.06 30.16 17.37
CA THR A 229 -1.20 28.93 18.17
C THR A 229 0.20 28.38 18.51
N GLU A 230 0.38 27.91 19.74
CA GLU A 230 1.57 27.18 20.08
C GLU A 230 1.22 25.71 19.95
N LEU A 231 1.84 25.00 19.00
CA LEU A 231 1.62 23.61 18.74
C LEU A 231 2.84 22.80 19.14
N VAL A 232 2.73 21.89 20.11
CA VAL A 232 3.90 21.15 20.49
C VAL A 232 4.04 19.95 19.54
N GLU A 233 5.27 19.41 19.46
CA GLU A 233 5.52 18.17 18.72
C GLU A 233 4.76 17.02 19.38
N THR A 234 4.12 16.21 18.54
CA THR A 234 3.48 15.00 18.98
C THR A 234 4.49 14.15 19.75
N ARG A 235 4.05 13.64 20.88
CA ARG A 235 5.02 13.03 21.85
C ARG A 235 4.53 11.68 22.34
N PRO A 236 5.47 10.74 22.58
CA PRO A 236 5.09 9.39 23.03
C PRO A 236 4.68 9.36 24.50
N ALA A 237 3.60 8.66 24.83
CA ALA A 237 3.25 8.52 26.24
C ALA A 237 4.14 7.51 26.95
N GLY A 238 4.81 6.62 26.19
CA GLY A 238 5.60 5.55 26.77
C GLY A 238 4.98 4.18 26.59
N ASP A 239 3.66 4.13 26.38
CA ASP A 239 2.78 2.93 26.35
C ASP A 239 2.33 2.59 24.93
N GLY A 240 2.95 3.19 23.91
CA GLY A 240 2.60 2.95 22.52
C GLY A 240 1.45 3.84 22.02
N THR A 241 1.04 4.81 22.84
CA THR A 241 0.10 5.86 22.42
C THR A 241 0.84 7.21 22.43
N PHE A 242 0.16 8.22 21.88
CA PHE A 242 0.71 9.50 21.68
C PHE A 242 -0.18 10.57 22.30
N GLN A 243 0.47 11.72 22.49
CA GLN A 243 -0.17 12.89 23.09
C GLN A 243 0.21 14.11 22.26
N LYS A 244 -0.65 15.11 22.27
CA LYS A 244 -0.32 16.42 21.65
C LYS A 244 -1.21 17.50 22.29
N TRP A 245 -0.72 18.74 22.28
CA TRP A 245 -1.55 19.88 22.65
C TRP A 245 -1.23 21.11 21.78
N VAL A 246 -2.22 22.00 21.77
CA VAL A 246 -2.13 23.28 21.07
C VAL A 246 -2.72 24.34 21.98
N ALA A 247 -2.03 25.46 22.10
CA ALA A 247 -2.47 26.52 23.02
C ALA A 247 -2.54 27.87 22.32
N VAL A 248 -3.47 28.67 22.84
CA VAL A 248 -3.60 30.12 22.47
C VAL A 248 -3.73 30.88 23.77
N VAL A 249 -3.22 32.13 23.76
CA VAL A 249 -3.37 33.06 24.80
C VAL A 249 -4.38 34.09 24.34
N VAL A 250 -5.43 34.27 25.11
CA VAL A 250 -6.57 35.05 24.71
C VAL A 250 -6.88 36.09 25.77
N PRO A 251 -7.53 37.18 25.35
CA PRO A 251 -8.07 38.10 26.35
C PRO A 251 -9.17 37.47 27.20
N SER A 252 -9.09 37.69 28.52
CA SER A 252 -10.08 37.13 29.42
C SER A 252 -11.45 37.61 28.99
N GLY A 253 -12.41 36.66 28.95
CA GLY A 253 -13.79 36.90 28.58
C GLY A 253 -14.13 36.52 27.15
N GLN A 254 -13.12 36.33 26.28
CA GLN A 254 -13.36 35.93 24.91
C GLN A 254 -13.33 34.40 24.71
N GLU A 255 -13.30 33.61 25.78
CA GLU A 255 -13.14 32.14 25.62
C GLU A 255 -14.18 31.53 24.68
N GLN A 256 -15.43 31.98 24.74
CA GLN A 256 -16.51 31.39 23.93
C GLN A 256 -16.27 31.54 22.42
N ARG A 257 -15.43 32.49 21.99
CA ARG A 257 -15.13 32.72 20.59
C ARG A 257 -14.19 31.63 20.04
N TYR A 258 -13.49 30.93 20.93
CA TYR A 258 -12.43 30.00 20.56
C TYR A 258 -12.89 28.53 20.62
N THR A 259 -12.59 27.82 19.53
CA THR A 259 -12.93 26.44 19.32
C THR A 259 -11.68 25.66 18.91
N CYS A 260 -11.59 24.43 19.42
CA CYS A 260 -10.52 23.55 19.05
C CYS A 260 -11.10 22.45 18.16
N HIS A 261 -10.35 22.12 17.10
CA HIS A 261 -10.75 21.19 16.04
C HIS A 261 -9.72 20.05 16.02
N VAL A 262 -10.22 18.82 16.17
CA VAL A 262 -9.39 17.65 16.19
C VAL A 262 -9.78 16.70 15.05
N GLN A 263 -8.74 16.30 14.32
CA GLN A 263 -8.82 15.29 13.28
C GLN A 263 -7.88 14.13 13.57
N HIS A 264 -8.44 12.91 13.54
CA HIS A 264 -7.70 11.68 13.75
C HIS A 264 -8.49 10.52 13.11
N GLU A 265 -7.77 9.52 12.60
CA GLU A 265 -8.43 8.38 11.90
C GLU A 265 -9.33 7.56 12.84
N GLY A 266 -9.10 7.65 14.15
CA GLY A 266 -9.97 7.04 15.17
C GLY A 266 -11.29 7.75 15.38
N LEU A 267 -11.45 8.95 14.82
CA LEU A 267 -12.62 9.74 14.99
C LEU A 267 -13.55 9.52 13.80
N PRO A 268 -14.80 9.07 14.03
CA PRO A 268 -15.78 8.93 12.94
C PRO A 268 -15.93 10.25 12.17
N LYS A 269 -15.89 11.39 12.89
CA LYS A 269 -16.06 12.71 12.30
C LYS A 269 -15.06 13.65 12.96
N PRO A 270 -14.55 14.71 12.26
CA PRO A 270 -13.81 15.79 12.92
C PRO A 270 -14.56 16.28 14.18
N LEU A 271 -13.84 16.52 15.28
CA LEU A 271 -14.44 16.96 16.54
C LEU A 271 -14.16 18.45 16.73
N THR A 272 -15.19 19.16 17.20
CA THR A 272 -15.04 20.52 17.63
C THR A 272 -15.34 20.58 19.14
N LEU A 273 -14.37 21.14 19.88
CA LEU A 273 -14.57 21.39 21.34
C LEU A 273 -14.83 22.87 21.56
N ARG A 274 -15.79 23.15 22.45
CA ARG A 274 -16.21 24.53 22.72
C ARG A 274 -16.15 24.86 24.21
N TRP A 275 -16.19 26.18 24.43
CA TRP A 275 -16.37 26.84 25.71
C TRP A 275 -17.78 27.46 25.62
N GLU A 276 -18.68 27.03 26.50
CA GLU A 276 -20.16 27.12 26.29
C GLU A 276 -20.87 26.77 27.59
N MET B 1 29.05 22.84 11.51
N MET B 1 29.01 24.81 11.19
CA MET B 1 28.13 23.74 10.75
CA MET B 1 28.17 23.52 11.14
C MET B 1 26.76 23.79 11.46
C MET B 1 26.71 23.82 11.50
N ILE B 2 25.79 23.04 10.94
CA ILE B 2 24.37 23.09 11.37
C ILE B 2 24.30 22.70 12.84
N GLN B 3 23.48 23.48 13.54
CA GLN B 3 23.11 23.18 14.90
C GLN B 3 21.64 23.51 15.05
N ARG B 4 20.91 22.65 15.75
N ARG B 4 20.91 22.65 15.74
CA ARG B 4 19.50 22.84 15.99
CA ARG B 4 19.50 22.85 15.99
C ARG B 4 19.24 22.58 17.49
C ARG B 4 19.25 22.59 17.49
N THR B 5 18.43 23.44 18.10
CA THR B 5 18.18 23.44 19.53
C THR B 5 17.16 22.40 19.91
N PRO B 6 17.38 21.62 21.00
CA PRO B 6 16.34 20.70 21.49
C PRO B 6 15.07 21.46 21.92
N LYS B 7 13.95 20.83 21.58
CA LYS B 7 12.61 21.18 22.05
C LYS B 7 12.31 20.18 23.17
N ILE B 8 12.10 20.70 24.40
CA ILE B 8 12.01 19.88 25.59
C ILE B 8 10.57 19.85 26.08
N GLN B 9 10.03 18.66 26.34
CA GLN B 9 8.74 18.47 26.90
C GLN B 9 8.83 17.54 28.11
N VAL B 10 8.36 17.98 29.29
CA VAL B 10 8.36 17.14 30.46
C VAL B 10 6.91 16.94 30.96
N TYR B 11 6.51 15.67 31.10
CA TYR B 11 5.14 15.31 31.26
C TYR B 11 4.98 13.89 31.80
N SER B 12 3.80 13.58 32.35
CA SER B 12 3.50 12.26 32.83
C SER B 12 2.81 11.45 31.73
N ARG B 13 2.95 10.12 31.86
CA ARG B 13 2.34 9.21 30.93
C ARG B 13 0.80 9.29 31.08
N HIS B 14 0.34 9.21 32.34
CA HIS B 14 -1.05 9.21 32.74
C HIS B 14 -1.41 10.48 33.52
N PRO B 15 -2.69 10.87 33.56
CA PRO B 15 -3.08 11.99 34.42
C PRO B 15 -2.61 11.74 35.87
N ALA B 16 -1.88 12.68 36.46
CA ALA B 16 -1.23 12.45 37.73
C ALA B 16 -2.22 12.49 38.88
N GLU B 17 -2.02 11.61 39.85
CA GLU B 17 -2.77 11.57 41.13
C GLU B 17 -1.77 11.36 42.25
N ASN B 18 -1.83 12.20 43.30
CA ASN B 18 -0.85 12.11 44.34
C ASN B 18 -0.88 10.71 44.99
N GLY B 19 0.31 10.14 45.19
CA GLY B 19 0.47 8.78 45.78
C GLY B 19 0.29 7.66 44.81
N LYS B 20 0.04 7.95 43.52
CA LYS B 20 -0.25 6.91 42.54
C LYS B 20 0.92 6.82 41.55
N SER B 21 1.54 5.63 41.50
CA SER B 21 2.65 5.38 40.64
C SER B 21 2.28 5.67 39.18
N ASN B 22 3.25 6.23 38.45
CA ASN B 22 3.07 6.82 37.10
C ASN B 22 4.45 6.77 36.43
N PHE B 23 4.57 7.36 35.22
CA PHE B 23 5.81 7.45 34.53
C PHE B 23 6.04 8.92 34.14
N LEU B 24 7.24 9.41 34.45
CA LEU B 24 7.74 10.74 34.13
C LEU B 24 8.58 10.65 32.85
N ASN B 25 8.22 11.50 31.90
CA ASN B 25 8.80 11.54 30.54
C ASN B 25 9.50 12.89 30.31
N CYS B 26 10.67 12.84 29.67
CA CYS B 26 11.25 14.01 29.11
C CYS B 26 11.56 13.70 27.64
N TYR B 27 10.80 14.31 26.76
CA TYR B 27 10.95 14.10 25.32
C TYR B 27 11.72 15.30 24.75
N VAL B 28 12.85 15.02 24.11
N VAL B 28 12.80 15.00 24.06
CA VAL B 28 13.68 16.03 23.51
CA VAL B 28 13.71 15.97 23.54
C VAL B 28 13.75 15.74 22.02
C VAL B 28 13.77 15.74 22.03
N SER B 29 13.42 16.75 21.24
CA SER B 29 13.31 16.59 19.80
C SER B 29 13.86 17.82 19.10
N GLY B 30 14.12 17.61 17.83
CA GLY B 30 14.52 18.61 16.91
C GLY B 30 15.94 19.06 17.05
N PHE B 31 16.83 18.24 17.64
CA PHE B 31 18.22 18.70 17.87
C PHE B 31 19.23 18.17 16.86
N HIS B 32 20.35 18.90 16.74
CA HIS B 32 21.48 18.49 15.93
C HIS B 32 22.67 19.32 16.38
N PRO B 33 23.83 18.72 16.63
CA PRO B 33 24.15 17.30 16.45
C PRO B 33 23.56 16.40 17.57
N SER B 34 23.85 15.08 17.57
CA SER B 34 23.24 14.09 18.44
C SER B 34 23.76 14.10 19.89
N ASP B 35 24.94 14.64 20.18
CA ASP B 35 25.46 14.58 21.59
C ASP B 35 24.54 15.48 22.41
N ILE B 36 23.92 14.88 23.43
CA ILE B 36 23.05 15.60 24.33
C ILE B 36 23.13 14.97 25.71
N GLU B 37 22.91 15.82 26.73
CA GLU B 37 22.80 15.29 28.11
C GLU B 37 21.39 15.58 28.59
N VAL B 38 20.71 14.52 29.10
CA VAL B 38 19.32 14.68 29.60
C VAL B 38 19.22 13.99 30.96
N ASP B 39 18.77 14.74 31.99
CA ASP B 39 18.50 14.18 33.30
C ASP B 39 17.06 14.50 33.74
N LEU B 40 16.40 13.50 34.35
CA LEU B 40 15.21 13.78 35.17
C LEU B 40 15.63 14.05 36.62
N LEU B 41 15.01 15.08 37.21
CA LEU B 41 15.34 15.55 38.55
C LEU B 41 14.12 15.37 39.46
N LYS B 42 14.39 14.86 40.68
CA LYS B 42 13.43 14.94 41.77
C LYS B 42 14.04 15.82 42.87
N ASN B 43 13.36 16.92 43.20
CA ASN B 43 13.84 17.94 44.14
C ASN B 43 15.28 18.34 43.81
N GLY B 44 15.58 18.58 42.52
CA GLY B 44 16.84 19.08 42.04
C GLY B 44 17.92 18.03 41.91
N GLU B 45 17.65 16.76 42.27
CA GLU B 45 18.65 15.72 42.22
C GLU B 45 18.40 14.79 41.01
N ARG B 46 19.47 14.38 40.36
CA ARG B 46 19.41 13.46 39.28
C ARG B 46 18.81 12.13 39.75
N ILE B 47 17.81 11.65 38.99
CA ILE B 47 17.21 10.33 39.11
C ILE B 47 18.14 9.35 38.37
N GLU B 48 18.63 8.34 39.10
CA GLU B 48 19.67 7.49 38.54
C GLU B 48 19.03 6.37 37.70
N LYS B 49 17.80 5.95 37.96
CA LYS B 49 17.27 4.78 37.28
C LYS B 49 16.82 5.06 35.82
N VAL B 50 16.95 6.29 35.30
CA VAL B 50 16.25 6.72 34.06
C VAL B 50 16.70 5.95 32.83
N GLU B 51 15.72 5.50 32.04
CA GLU B 51 15.93 4.83 30.77
C GLU B 51 15.71 5.80 29.62
N HIS B 52 16.26 5.47 28.45
CA HIS B 52 15.96 6.28 27.26
C HIS B 52 15.78 5.40 26.04
N SER B 53 15.06 5.96 25.07
CA SER B 53 14.89 5.37 23.77
C SER B 53 16.21 5.37 22.98
N ASP B 54 16.28 4.50 21.96
CA ASP B 54 17.38 4.46 21.06
C ASP B 54 17.33 5.68 20.11
N LEU B 55 18.50 6.29 19.86
CA LEU B 55 18.64 7.51 19.01
C LEU B 55 17.98 7.27 17.64
N SER B 56 17.07 8.17 17.28
CA SER B 56 16.41 8.20 16.01
C SER B 56 16.26 9.65 15.54
N PHE B 57 15.72 9.83 14.35
CA PHE B 57 15.58 11.16 13.76
C PHE B 57 14.37 11.24 12.82
N SER B 58 13.96 12.48 12.57
CA SER B 58 12.78 12.87 11.87
C SER B 58 13.13 13.09 10.38
N LYS B 59 12.12 13.53 9.61
CA LYS B 59 12.34 13.60 8.14
C LYS B 59 13.33 14.73 7.82
N ASP B 60 13.43 15.73 8.70
CA ASP B 60 14.33 16.87 8.57
C ASP B 60 15.74 16.56 9.11
N TRP B 61 15.99 15.31 9.55
CA TRP B 61 17.26 14.77 10.03
C TRP B 61 17.54 15.15 11.50
N SER B 62 16.67 15.98 12.12
CA SER B 62 16.86 16.30 13.53
C SER B 62 16.57 15.06 14.39
N PHE B 63 17.30 14.96 15.50
CA PHE B 63 17.26 13.82 16.39
C PHE B 63 16.15 13.97 17.44
N TYR B 64 15.68 12.84 17.97
CA TYR B 64 14.74 12.84 19.10
C TYR B 64 15.10 11.67 20.01
N LEU B 65 14.85 11.88 21.31
CA LEU B 65 15.01 10.91 22.39
C LEU B 65 13.88 11.09 23.42
N LEU B 66 13.39 9.95 23.95
CA LEU B 66 12.55 9.96 25.15
C LEU B 66 13.35 9.41 26.33
N TYR B 67 13.40 10.19 27.41
CA TYR B 67 13.92 9.77 28.69
C TYR B 67 12.73 9.53 29.64
N TYR B 68 12.74 8.44 30.39
CA TYR B 68 11.56 8.10 31.19
C TYR B 68 11.97 7.32 32.44
N THR B 69 11.11 7.48 33.45
CA THR B 69 11.30 6.72 34.70
C THR B 69 9.96 6.55 35.38
N GLU B 70 9.83 5.51 36.22
CA GLU B 70 8.69 5.43 37.13
C GLU B 70 8.81 6.58 38.14
N PHE B 71 7.66 7.12 38.54
CA PHE B 71 7.62 8.15 39.58
C PHE B 71 6.25 8.17 40.22
N THR B 72 6.22 8.67 41.47
CA THR B 72 4.97 8.83 42.25
C THR B 72 4.77 10.32 42.48
N PRO B 73 3.87 11.01 41.75
CA PRO B 73 3.59 12.43 41.98
C PRO B 73 3.13 12.62 43.45
N THR B 74 3.55 13.72 44.06
CA THR B 74 3.08 14.04 45.42
C THR B 74 2.76 15.51 45.45
N GLU B 75 2.21 15.98 46.58
CA GLU B 75 1.91 17.35 46.73
C GLU B 75 3.20 18.20 46.68
N LYS B 76 4.28 17.75 47.33
CA LYS B 76 5.43 18.65 47.53
C LYS B 76 6.70 18.31 46.73
N ASP B 77 6.83 17.12 46.19
CA ASP B 77 8.01 16.80 45.37
C ASP B 77 7.96 17.51 44.01
N GLU B 78 9.09 18.09 43.62
CA GLU B 78 9.26 18.88 42.41
C GLU B 78 9.97 18.00 41.37
N TYR B 79 9.39 17.87 40.18
CA TYR B 79 10.05 17.08 39.14
C TYR B 79 10.44 18.03 38.02
N ALA B 80 11.53 17.66 37.33
CA ALA B 80 12.04 18.53 36.23
C ALA B 80 12.89 17.69 35.28
N CYS B 81 13.17 18.28 34.13
CA CYS B 81 14.12 17.73 33.16
C CYS B 81 15.22 18.76 32.92
N ARG B 82 16.47 18.30 32.97
CA ARG B 82 17.60 19.18 32.71
C ARG B 82 18.34 18.71 31.46
N VAL B 83 18.54 19.62 30.52
CA VAL B 83 19.09 19.30 29.22
C VAL B 83 20.28 20.20 28.94
N ASN B 84 21.33 19.56 28.43
CA ASN B 84 22.46 20.34 27.93
C ASN B 84 22.80 19.86 26.51
N HIS B 85 23.23 20.82 25.71
CA HIS B 85 23.44 20.63 24.26
C HIS B 85 24.37 21.74 23.83
N VAL B 86 25.07 21.54 22.69
CA VAL B 86 25.99 22.60 22.24
C VAL B 86 25.26 23.93 21.98
N THR B 87 23.98 23.93 21.60
CA THR B 87 23.17 25.11 21.31
C THR B 87 22.74 25.91 22.56
N LEU B 88 22.92 25.32 23.73
CA LEU B 88 22.50 25.93 25.03
C LEU B 88 23.74 26.48 25.74
N SER B 89 23.68 27.73 26.20
CA SER B 89 24.86 28.30 26.87
C SER B 89 25.15 27.62 28.23
N GLN B 90 24.10 27.10 28.87
N GLN B 90 24.09 27.09 28.86
CA GLN B 90 24.22 26.36 30.10
CA GLN B 90 24.16 26.43 30.13
C GLN B 90 23.01 25.43 30.16
C GLN B 90 22.99 25.45 30.17
N PRO B 91 22.95 24.43 31.06
CA PRO B 91 21.84 23.47 31.07
C PRO B 91 20.51 24.22 31.21
N LYS B 92 19.50 23.73 30.52
CA LYS B 92 18.14 24.20 30.59
C LYS B 92 17.31 23.25 31.46
N ILE B 93 16.68 23.81 32.49
CA ILE B 93 15.83 23.03 33.39
C ILE B 93 14.38 23.38 33.10
N VAL B 94 13.53 22.39 32.76
CA VAL B 94 12.12 22.57 32.55
C VAL B 94 11.37 21.79 33.64
N LYS B 95 10.55 22.53 34.39
CA LYS B 95 9.82 21.92 35.45
C LYS B 95 8.58 21.20 34.91
N TRP B 96 8.22 20.07 35.52
CA TRP B 96 6.95 19.41 35.29
C TRP B 96 5.83 20.27 35.88
N ASP B 97 4.83 20.58 35.06
CA ASP B 97 3.64 21.31 35.52
C ASP B 97 2.39 20.49 35.27
N ARG B 98 1.85 19.87 36.34
CA ARG B 98 0.75 18.93 36.18
C ARG B 98 -0.58 19.65 35.88
N ASP B 99 -0.62 20.98 35.94
CA ASP B 99 -1.89 21.69 35.73
C ASP B 99 -2.09 22.21 34.30
N MET B 100 -1.19 21.86 33.38
CA MET B 100 -1.33 22.27 31.99
C MET B 100 -2.58 21.67 31.32
N GLY C 2 5.47 -16.06 -3.82
CA GLY C 2 4.50 -15.02 -4.28
C GLY C 2 3.19 -15.11 -3.51
N SER C 3 2.42 -14.01 -3.55
CA SER C 3 1.06 -13.96 -2.98
C SER C 3 0.11 -14.76 -3.86
N HIS C 4 -1.00 -15.22 -3.25
CA HIS C 4 -2.04 -15.88 -3.99
C HIS C 4 -3.42 -15.42 -3.49
N SER C 5 -4.42 -15.67 -4.32
CA SER C 5 -5.76 -15.28 -4.06
C SER C 5 -6.70 -16.44 -4.44
N MET C 6 -7.83 -16.53 -3.74
CA MET C 6 -8.97 -17.25 -4.19
C MET C 6 -10.14 -16.28 -4.23
N ARG C 7 -10.89 -16.27 -5.33
CA ARG C 7 -12.03 -15.39 -5.47
C ARG C 7 -13.19 -16.09 -6.15
N TYR C 8 -14.40 -15.76 -5.69
CA TYR C 8 -15.60 -16.09 -6.31
C TYR C 8 -16.29 -14.83 -6.81
N PHE C 9 -16.87 -14.96 -8.00
CA PHE C 9 -17.56 -13.87 -8.69
C PHE C 9 -18.93 -14.34 -9.13
N PHE C 10 -19.97 -13.66 -8.65
N PHE C 10 -19.96 -13.62 -8.70
CA PHE C 10 -21.32 -13.91 -9.00
CA PHE C 10 -21.34 -13.93 -8.99
C PHE C 10 -21.92 -12.73 -9.77
C PHE C 10 -22.02 -12.76 -9.69
N THR C 11 -22.66 -13.07 -10.83
CA THR C 11 -23.42 -12.13 -11.62
C THR C 11 -24.87 -12.58 -11.71
N SER C 12 -25.80 -11.73 -11.28
CA SER C 12 -27.21 -11.94 -11.41
C SER C 12 -27.80 -10.82 -12.26
N VAL C 13 -28.53 -11.17 -13.33
CA VAL C 13 -29.15 -10.22 -14.25
C VAL C 13 -30.64 -10.52 -14.39
N SER C 14 -31.47 -9.55 -14.02
CA SER C 14 -32.89 -9.70 -14.22
C SER C 14 -33.26 -9.59 -15.70
N ARG C 15 -34.30 -10.34 -16.05
CA ARG C 15 -34.84 -10.28 -17.39
C ARG C 15 -36.37 -10.31 -17.28
N PRO C 16 -36.97 -9.22 -16.75
CA PRO C 16 -38.39 -9.25 -16.41
C PRO C 16 -39.25 -9.69 -17.60
N GLY C 17 -40.14 -10.65 -17.36
CA GLY C 17 -41.04 -11.19 -18.37
C GLY C 17 -40.37 -12.21 -19.29
N ARG C 18 -39.09 -12.55 -19.05
CA ARG C 18 -38.34 -13.47 -19.90
C ARG C 18 -37.71 -14.57 -19.01
N GLY C 19 -38.34 -14.84 -17.87
CA GLY C 19 -37.90 -15.90 -16.93
C GLY C 19 -37.23 -15.35 -15.67
N GLU C 20 -36.69 -16.27 -14.86
N GLU C 20 -36.72 -16.27 -14.83
CA GLU C 20 -35.94 -15.97 -13.66
CA GLU C 20 -35.98 -15.94 -13.63
C GLU C 20 -34.65 -15.27 -14.07
C GLU C 20 -34.68 -15.27 -14.06
N PRO C 21 -34.02 -14.49 -13.17
CA PRO C 21 -32.74 -13.87 -13.46
C PRO C 21 -31.67 -14.88 -13.91
N ARG C 22 -30.83 -14.44 -14.82
CA ARG C 22 -29.62 -15.22 -15.20
C ARG C 22 -28.60 -15.14 -14.07
N PHE C 23 -28.05 -16.28 -13.64
CA PHE C 23 -27.09 -16.27 -12.57
C PHE C 23 -25.85 -17.06 -12.99
N ILE C 24 -24.69 -16.39 -12.95
CA ILE C 24 -23.45 -17.01 -13.34
C ILE C 24 -22.46 -16.84 -12.20
N ALA C 25 -21.78 -17.92 -11.82
CA ALA C 25 -20.79 -17.96 -10.81
C ALA C 25 -19.50 -18.56 -11.38
N VAL C 26 -18.38 -17.94 -11.06
CA VAL C 26 -17.03 -18.45 -11.39
C VAL C 26 -16.14 -18.35 -10.17
N GLY C 27 -15.25 -19.32 -10.06
CA GLY C 27 -14.22 -19.30 -9.05
C GLY C 27 -12.81 -19.31 -9.66
N TYR C 28 -11.94 -18.50 -9.08
CA TYR C 28 -10.53 -18.33 -9.52
C TYR C 28 -9.57 -18.59 -8.37
N VAL C 29 -8.44 -19.23 -8.70
CA VAL C 29 -7.27 -19.16 -7.89
C VAL C 29 -6.25 -18.35 -8.70
N ASP C 30 -5.81 -17.22 -8.11
CA ASP C 30 -4.96 -16.25 -8.85
C ASP C 30 -5.65 -15.99 -10.18
N ASP C 31 -4.97 -16.16 -11.36
CA ASP C 31 -5.56 -15.85 -12.61
C ASP C 31 -6.05 -17.12 -13.31
N THR C 32 -6.29 -18.19 -12.56
CA THR C 32 -6.67 -19.43 -13.16
C THR C 32 -8.09 -19.75 -12.69
N GLN C 33 -9.02 -19.85 -13.63
CA GLN C 33 -10.38 -20.27 -13.30
C GLN C 33 -10.36 -21.73 -12.92
N PHE C 34 -11.27 -22.12 -12.02
CA PHE C 34 -11.35 -23.55 -11.65
C PHE C 34 -12.79 -24.06 -11.59
N VAL C 35 -13.81 -23.21 -11.40
CA VAL C 35 -15.18 -23.68 -11.38
C VAL C 35 -16.15 -22.69 -12.02
N ARG C 36 -17.33 -23.19 -12.41
CA ARG C 36 -18.39 -22.35 -12.91
C ARG C 36 -19.75 -22.96 -12.58
N PHE C 37 -20.74 -22.10 -12.55
CA PHE C 37 -22.15 -22.42 -12.54
C PHE C 37 -22.88 -21.41 -13.42
N ASP C 38 -23.81 -21.90 -14.22
CA ASP C 38 -24.65 -21.09 -15.07
C ASP C 38 -26.10 -21.56 -14.96
N SER C 39 -26.95 -20.72 -14.37
CA SER C 39 -28.33 -21.08 -14.12
C SER C 39 -29.07 -21.47 -15.41
N ASP C 40 -28.64 -21.00 -16.57
CA ASP C 40 -29.33 -21.32 -17.83
C ASP C 40 -28.86 -22.66 -18.42
N ALA C 41 -27.78 -23.23 -17.89
CA ALA C 41 -27.16 -24.41 -18.50
C ALA C 41 -27.96 -25.65 -18.08
N ALA C 42 -27.90 -26.71 -18.88
CA ALA C 42 -28.66 -27.94 -18.63
C ALA C 42 -28.27 -28.66 -17.33
N SER C 43 -26.97 -28.72 -17.00
CA SER C 43 -26.48 -29.62 -15.95
C SER C 43 -27.01 -29.26 -14.56
N GLN C 44 -27.17 -27.96 -14.27
CA GLN C 44 -27.55 -27.48 -12.94
C GLN C 44 -26.57 -28.00 -11.89
N ARG C 45 -25.27 -28.09 -12.28
CA ARG C 45 -24.22 -28.46 -11.42
C ARG C 45 -23.15 -27.34 -11.44
N MET C 46 -22.48 -27.19 -10.30
CA MET C 46 -21.17 -26.57 -10.25
C MET C 46 -20.25 -27.47 -11.07
N GLU C 47 -19.45 -26.89 -11.99
CA GLU C 47 -18.67 -27.68 -12.92
C GLU C 47 -17.18 -27.32 -12.84
N PRO C 48 -16.28 -28.30 -13.07
CA PRO C 48 -14.85 -28.03 -13.09
C PRO C 48 -14.40 -27.29 -14.36
N ARG C 49 -13.40 -26.42 -14.20
CA ARG C 49 -12.82 -25.69 -15.31
C ARG C 49 -11.27 -25.69 -15.25
N ALA C 50 -10.65 -26.44 -14.33
CA ALA C 50 -9.23 -26.63 -14.25
C ALA C 50 -8.96 -28.08 -13.91
N PRO C 51 -7.90 -28.69 -14.48
CA PRO C 51 -7.72 -30.13 -14.34
C PRO C 51 -7.63 -30.52 -12.87
N TRP C 52 -6.98 -29.69 -12.06
CA TRP C 52 -6.58 -30.02 -10.68
C TRP C 52 -7.77 -30.03 -9.71
N ILE C 53 -8.94 -29.54 -10.12
CA ILE C 53 -10.14 -29.58 -9.24
C ILE C 53 -10.92 -30.87 -9.55
N GLU C 54 -10.65 -31.51 -10.68
CA GLU C 54 -11.48 -32.68 -11.14
C GLU C 54 -11.39 -33.81 -10.12
N GLN C 55 -10.28 -33.89 -9.39
CA GLN C 55 -10.06 -34.97 -8.40
C GLN C 55 -10.94 -34.80 -7.15
N GLU C 56 -11.50 -33.62 -6.90
CA GLU C 56 -12.44 -33.49 -5.80
C GLU C 56 -13.61 -34.47 -5.95
N GLY C 57 -14.02 -35.02 -4.81
CA GLY C 57 -15.04 -36.08 -4.78
C GLY C 57 -16.46 -35.55 -4.82
N PRO C 58 -17.47 -36.45 -4.80
CA PRO C 58 -18.85 -36.04 -4.99
C PRO C 58 -19.45 -35.19 -3.88
N GLU C 59 -18.94 -35.28 -2.65
CA GLU C 59 -19.39 -34.43 -1.55
C GLU C 59 -19.06 -32.99 -1.89
N TYR C 60 -17.92 -32.81 -2.55
CA TYR C 60 -17.45 -31.44 -2.96
C TYR C 60 -18.41 -30.86 -3.98
N TRP C 61 -18.62 -31.58 -5.09
CA TRP C 61 -19.50 -31.10 -6.18
C TRP C 61 -20.92 -30.97 -5.69
N ASP C 62 -21.41 -31.93 -4.87
CA ASP C 62 -22.77 -31.71 -4.30
C ASP C 62 -22.85 -30.48 -3.39
N GLY C 63 -21.86 -30.28 -2.53
CA GLY C 63 -21.84 -29.17 -1.58
C GLY C 63 -21.78 -27.82 -2.29
N GLU C 64 -20.91 -27.73 -3.28
CA GLU C 64 -20.69 -26.47 -4.02
C GLU C 64 -21.94 -26.19 -4.85
N THR C 65 -22.58 -27.24 -5.39
CA THR C 65 -23.73 -27.09 -6.17
C THR C 65 -24.89 -26.55 -5.31
N ARG C 66 -25.10 -27.13 -4.13
CA ARG C 66 -26.13 -26.69 -3.21
C ARG C 66 -25.89 -25.23 -2.82
N LYS C 67 -24.65 -24.89 -2.47
N LYS C 67 -24.64 -24.90 -2.51
CA LYS C 67 -24.28 -23.52 -2.03
CA LYS C 67 -24.26 -23.56 -2.05
C LYS C 67 -24.55 -22.53 -3.16
C LYS C 67 -24.52 -22.54 -3.15
N VAL C 68 -24.10 -22.85 -4.38
CA VAL C 68 -24.21 -21.86 -5.48
C VAL C 68 -25.68 -21.62 -5.82
N LYS C 69 -26.51 -22.65 -5.74
CA LYS C 69 -27.94 -22.53 -6.02
C LYS C 69 -28.62 -21.66 -4.95
N ALA C 70 -28.20 -21.86 -3.70
CA ALA C 70 -28.73 -21.07 -2.60
C ALA C 70 -28.37 -19.58 -2.83
N HIS C 71 -27.11 -19.30 -3.21
CA HIS C 71 -26.70 -17.95 -3.58
C HIS C 71 -27.53 -17.41 -4.75
N SER C 72 -27.78 -18.23 -5.77
CA SER C 72 -28.61 -17.75 -6.90
C SER C 72 -29.99 -17.27 -6.40
N GLN C 73 -30.57 -17.99 -5.42
CA GLN C 73 -31.90 -17.64 -4.91
C GLN C 73 -31.88 -16.32 -4.12
N THR C 74 -30.86 -16.14 -3.28
N THR C 74 -30.86 -16.17 -3.28
CA THR C 74 -30.76 -14.89 -2.51
CA THR C 74 -30.63 -14.93 -2.51
C THR C 74 -30.61 -13.71 -3.47
C THR C 74 -30.61 -13.75 -3.49
N HIS C 75 -29.79 -13.86 -4.53
CA HIS C 75 -29.59 -12.77 -5.48
C HIS C 75 -30.86 -12.49 -6.28
N ARG C 76 -31.68 -13.53 -6.52
CA ARG C 76 -32.94 -13.36 -7.21
C ARG C 76 -33.81 -12.44 -6.35
N VAL C 77 -33.89 -12.72 -5.04
N VAL C 77 -33.88 -12.71 -5.03
CA VAL C 77 -34.72 -11.86 -4.20
CA VAL C 77 -34.67 -11.86 -4.10
C VAL C 77 -34.09 -10.46 -4.06
C VAL C 77 -34.08 -10.44 -4.04
N ASP C 78 -32.76 -10.37 -3.98
CA ASP C 78 -32.04 -9.09 -3.90
C ASP C 78 -32.42 -8.14 -5.06
N LEU C 79 -32.59 -8.67 -6.28
CA LEU C 79 -32.93 -7.82 -7.41
C LEU C 79 -34.25 -7.08 -7.15
N GLY C 80 -35.22 -7.78 -6.54
CA GLY C 80 -36.48 -7.18 -6.17
C GLY C 80 -36.38 -6.14 -5.08
N THR C 81 -35.58 -6.44 -4.04
CA THR C 81 -35.31 -5.48 -2.93
C THR C 81 -34.71 -4.18 -3.48
N LEU C 82 -33.70 -4.32 -4.31
CA LEU C 82 -33.00 -3.20 -4.89
C LEU C 82 -33.88 -2.36 -5.83
N ARG C 83 -34.58 -3.02 -6.75
N ARG C 83 -34.68 -2.94 -6.73
CA ARG C 83 -35.53 -2.29 -7.60
CA ARG C 83 -35.48 -2.05 -7.61
C ARG C 83 -36.47 -1.42 -6.74
C ARG C 83 -36.70 -1.46 -6.87
N GLY C 84 -37.10 -2.05 -5.73
CA GLY C 84 -38.02 -1.36 -4.79
C GLY C 84 -37.34 -0.20 -4.09
N CYS C 85 -36.13 -0.39 -3.57
CA CYS C 85 -35.48 0.67 -2.81
C CYS C 85 -35.16 1.89 -3.71
N TYR C 86 -34.68 1.62 -4.95
CA TYR C 86 -34.33 2.65 -5.88
C TYR C 86 -35.59 3.14 -6.64
N ASN C 87 -36.77 2.56 -6.36
CA ASN C 87 -38.05 2.93 -7.00
C ASN C 87 -37.92 2.87 -8.52
N GLN C 88 -37.37 1.75 -8.99
CA GLN C 88 -37.15 1.51 -10.40
C GLN C 88 -38.31 0.72 -10.97
N SER C 89 -38.56 0.99 -12.25
N SER C 89 -38.54 0.88 -12.28
CA SER C 89 -39.52 0.29 -13.01
CA SER C 89 -39.57 0.14 -13.03
C SER C 89 -39.21 -1.21 -12.97
C SER C 89 -39.39 -1.39 -12.96
N GLU C 90 -40.30 -2.01 -13.00
N GLU C 90 -40.52 -2.09 -13.02
CA GLU C 90 -40.23 -3.48 -12.94
CA GLU C 90 -40.52 -3.52 -12.98
C GLU C 90 -39.84 -4.04 -14.31
C GLU C 90 -40.03 -4.08 -14.34
N ALA C 91 -39.95 -3.23 -15.36
CA ALA C 91 -39.69 -3.73 -16.75
C ALA C 91 -38.20 -3.93 -17.03
N GLY C 92 -37.35 -3.09 -16.43
CA GLY C 92 -35.98 -2.99 -16.79
C GLY C 92 -35.10 -4.08 -16.26
N SER C 93 -34.06 -4.38 -17.03
CA SER C 93 -33.01 -5.34 -16.59
C SER C 93 -31.96 -4.59 -15.76
N HIS C 94 -31.62 -5.23 -14.62
CA HIS C 94 -30.63 -4.77 -13.68
C HIS C 94 -29.66 -5.91 -13.32
N THR C 95 -28.52 -5.50 -12.79
CA THR C 95 -27.41 -6.36 -12.48
C THR C 95 -27.03 -6.22 -11.00
N VAL C 96 -26.94 -7.36 -10.34
CA VAL C 96 -26.26 -7.52 -9.06
C VAL C 96 -24.99 -8.34 -9.27
N GLN C 97 -23.92 -7.85 -8.69
CA GLN C 97 -22.63 -8.54 -8.71
C GLN C 97 -22.15 -8.68 -7.28
N ARG C 98 -21.50 -9.78 -7.00
CA ARG C 98 -20.89 -10.04 -5.74
C ARG C 98 -19.53 -10.68 -5.98
N MET C 99 -18.53 -10.23 -5.22
N MET C 99 -18.55 -10.23 -5.22
CA MET C 99 -17.20 -10.84 -5.23
CA MET C 99 -17.25 -10.85 -5.22
C MET C 99 -16.69 -10.97 -3.80
C MET C 99 -16.84 -11.06 -3.78
N TYR C 100 -16.15 -12.16 -3.49
CA TYR C 100 -15.52 -12.36 -2.22
C TYR C 100 -14.37 -13.34 -2.32
N GLY C 101 -13.51 -13.26 -1.31
CA GLY C 101 -12.40 -14.18 -1.20
C GLY C 101 -11.28 -13.68 -0.37
N CYS C 102 -10.15 -14.39 -0.49
CA CYS C 102 -9.05 -14.22 0.42
C CYS C 102 -7.74 -14.26 -0.34
N ASP C 103 -6.80 -13.48 0.19
CA ASP C 103 -5.41 -13.53 -0.28
C ASP C 103 -4.56 -14.08 0.83
N VAL C 104 -3.49 -14.76 0.42
CA VAL C 104 -2.42 -15.09 1.29
C VAL C 104 -1.17 -14.46 0.70
N GLY C 105 -0.20 -14.21 1.57
CA GLY C 105 1.06 -13.68 1.15
C GLY C 105 2.00 -14.80 0.73
N SER C 106 3.25 -14.41 0.45
CA SER C 106 4.30 -15.33 0.06
C SER C 106 4.46 -16.47 1.06
N ASP C 107 4.07 -16.26 2.32
CA ASP C 107 4.18 -17.25 3.43
C ASP C 107 2.91 -18.13 3.58
N TRP C 108 1.96 -17.93 2.69
CA TRP C 108 0.66 -18.62 2.67
C TRP C 108 -0.16 -18.41 3.95
N ARG C 109 0.08 -17.28 4.64
CA ARG C 109 -0.76 -16.87 5.75
C ARG C 109 -1.78 -15.84 5.24
N PHE C 110 -2.94 -15.80 5.88
CA PHE C 110 -3.99 -14.83 5.53
C PHE C 110 -3.37 -13.41 5.44
N LEU C 111 -3.66 -12.73 4.33
CA LEU C 111 -3.14 -11.41 4.09
C LEU C 111 -4.28 -10.38 4.02
N ARG C 112 -5.32 -10.71 3.26
N ARG C 112 -5.24 -10.63 3.12
CA ARG C 112 -6.46 -9.82 3.09
CA ARG C 112 -6.43 -9.78 2.89
C ARG C 112 -7.70 -10.64 2.74
C ARG C 112 -7.67 -10.65 2.76
N GLY C 113 -8.86 -10.08 3.07
CA GLY C 113 -10.16 -10.67 2.79
C GLY C 113 -11.06 -9.61 2.22
N TYR C 114 -11.98 -10.04 1.36
CA TYR C 114 -12.89 -9.17 0.68
C TYR C 114 -14.28 -9.78 0.64
N HIS C 115 -15.31 -8.92 0.65
CA HIS C 115 -16.63 -9.34 0.40
C HIS C 115 -17.44 -8.11 0.00
N GLN C 116 -17.88 -8.04 -1.26
CA GLN C 116 -18.45 -6.78 -1.73
C GLN C 116 -19.44 -7.00 -2.86
N TYR C 117 -20.28 -5.96 -3.06
CA TYR C 117 -21.44 -6.06 -3.93
C TYR C 117 -21.54 -4.80 -4.77
N ALA C 118 -22.06 -4.95 -5.99
CA ALA C 118 -22.39 -3.84 -6.84
C ALA C 118 -23.81 -4.02 -7.34
N TYR C 119 -24.46 -2.90 -7.63
CA TYR C 119 -25.72 -2.86 -8.27
C TYR C 119 -25.60 -1.94 -9.50
N ASP C 120 -25.98 -2.48 -10.64
CA ASP C 120 -25.90 -1.74 -11.95
C ASP C 120 -24.50 -1.13 -12.10
N GLY C 121 -23.47 -1.91 -11.80
CA GLY C 121 -22.11 -1.53 -12.13
C GLY C 121 -21.44 -0.53 -11.17
N LYS C 122 -22.10 -0.21 -10.03
CA LYS C 122 -21.67 0.78 -9.04
C LYS C 122 -21.50 0.04 -7.71
N ASP C 123 -20.42 0.30 -6.98
CA ASP C 123 -20.27 -0.20 -5.58
C ASP C 123 -21.58 0.09 -4.84
N TYR C 124 -22.02 -0.94 -4.10
CA TYR C 124 -23.23 -0.92 -3.31
C TYR C 124 -22.83 -1.02 -1.82
N ILE C 125 -22.34 -2.18 -1.41
CA ILE C 125 -21.89 -2.34 -0.01
C ILE C 125 -20.66 -3.25 -0.03
N ALA C 126 -19.73 -2.98 0.87
CA ALA C 126 -18.46 -3.75 0.96
C ALA C 126 -18.03 -3.90 2.41
N LEU C 127 -17.51 -5.06 2.73
CA LEU C 127 -16.82 -5.25 3.96
C LEU C 127 -15.50 -4.46 3.94
N LYS C 128 -15.25 -3.67 5.00
CA LYS C 128 -14.02 -2.92 5.16
C LYS C 128 -12.86 -3.87 5.45
N GLU C 129 -11.63 -3.33 5.36
N GLU C 129 -11.63 -3.32 5.39
CA GLU C 129 -10.36 -4.08 5.52
CA GLU C 129 -10.42 -4.15 5.44
C GLU C 129 -10.37 -4.93 6.79
C GLU C 129 -10.32 -4.90 6.78
N ASP C 130 -10.90 -4.37 7.87
CA ASP C 130 -10.91 -5.08 9.17
C ASP C 130 -11.88 -6.26 9.21
N LEU C 131 -12.77 -6.41 8.21
CA LEU C 131 -13.78 -7.50 8.15
C LEU C 131 -14.80 -7.41 9.29
N ARG C 132 -14.95 -6.21 9.86
CA ARG C 132 -15.78 -6.01 11.03
C ARG C 132 -16.87 -4.97 10.76
N SER C 133 -16.68 -4.10 9.76
CA SER C 133 -17.69 -3.10 9.47
C SER C 133 -17.89 -2.97 7.97
N TRP C 134 -18.87 -2.14 7.57
CA TRP C 134 -19.29 -1.97 6.19
C TRP C 134 -19.08 -0.56 5.64
N THR C 135 -18.82 -0.50 4.35
CA THR C 135 -18.79 0.70 3.56
C THR C 135 -20.05 0.67 2.69
N ALA C 136 -20.92 1.65 2.88
CA ALA C 136 -22.17 1.72 2.14
C ALA C 136 -22.43 3.16 1.74
N ALA C 137 -22.27 3.51 0.45
CA ALA C 137 -22.41 4.95 0.09
C ALA C 137 -23.88 5.38 0.04
N ASP C 138 -24.69 4.72 -0.76
N ASP C 138 -24.65 4.68 -0.80
CA ASP C 138 -25.91 5.38 -0.95
CA ASP C 138 -26.03 5.04 -1.14
C ASP C 138 -26.90 4.91 0.13
C ASP C 138 -26.89 4.88 0.11
N MET C 139 -28.01 5.62 0.19
CA MET C 139 -29.00 5.44 1.23
C MET C 139 -29.54 4.00 1.22
N CYS C 140 -29.84 3.45 0.03
CA CYS C 140 -30.33 2.05 -0.07
C CYS C 140 -29.34 1.08 0.59
N ALA C 141 -28.03 1.26 0.35
CA ALA C 141 -27.00 0.42 0.96
C ALA C 141 -26.83 0.65 2.47
N GLN C 142 -27.14 1.87 2.95
CA GLN C 142 -27.13 2.14 4.41
C GLN C 142 -28.25 1.31 5.06
N THR C 143 -29.39 1.22 4.38
CA THR C 143 -30.49 0.40 4.92
C THR C 143 -30.03 -1.09 5.03
N THR C 144 -29.41 -1.62 3.97
CA THR C 144 -28.82 -2.93 4.00
C THR C 144 -27.85 -3.09 5.17
N LYS C 145 -26.99 -2.08 5.35
CA LYS C 145 -26.02 -2.08 6.42
C LYS C 145 -26.71 -2.21 7.80
N HIS C 146 -27.79 -1.47 8.02
CA HIS C 146 -28.51 -1.54 9.31
C HIS C 146 -28.93 -2.98 9.56
N LYS C 147 -29.44 -3.63 8.49
CA LYS C 147 -29.99 -4.97 8.60
C LYS C 147 -28.85 -5.97 8.83
N TRP C 148 -27.74 -5.77 8.14
CA TRP C 148 -26.58 -6.67 8.24
C TRP C 148 -25.86 -6.50 9.57
N GLU C 149 -25.91 -5.30 10.12
CA GLU C 149 -25.35 -5.09 11.47
C GLU C 149 -26.20 -5.82 12.51
N ALA C 150 -27.52 -5.65 12.45
CA ALA C 150 -28.40 -6.25 13.41
C ALA C 150 -28.36 -7.78 13.32
N ALA C 151 -28.11 -8.30 12.12
CA ALA C 151 -28.02 -9.80 11.90
C ALA C 151 -26.61 -10.35 12.14
N HIS C 152 -25.64 -9.50 12.48
CA HIS C 152 -24.22 -9.94 12.71
C HIS C 152 -23.66 -10.70 11.49
N VAL C 153 -23.99 -10.20 10.31
CA VAL C 153 -23.53 -10.83 9.05
C VAL C 153 -21.98 -10.82 8.99
N ALA C 154 -21.36 -9.66 9.29
CA ALA C 154 -19.89 -9.48 9.12
C ALA C 154 -19.14 -10.60 9.85
N GLU C 155 -19.65 -10.99 11.02
CA GLU C 155 -18.93 -11.91 11.87
C GLU C 155 -18.83 -13.26 11.15
N GLN C 156 -19.93 -13.69 10.53
CA GLN C 156 -19.99 -14.97 9.80
C GLN C 156 -19.01 -14.94 8.61
N LEU C 157 -19.04 -13.83 7.88
CA LEU C 157 -18.20 -13.67 6.67
C LEU C 157 -16.71 -13.67 7.04
N ARG C 158 -16.34 -12.89 8.06
CA ARG C 158 -14.96 -12.83 8.56
C ARG C 158 -14.45 -14.26 8.93
N ALA C 159 -15.27 -15.07 9.59
CA ALA C 159 -14.85 -16.45 10.00
C ALA C 159 -14.52 -17.33 8.76
N TYR C 160 -15.29 -17.16 7.68
CA TYR C 160 -14.97 -17.87 6.42
C TYR C 160 -13.66 -17.34 5.84
N LEU C 161 -13.58 -16.01 5.72
CA LEU C 161 -12.49 -15.37 5.00
C LEU C 161 -11.13 -15.65 5.68
N GLU C 162 -11.09 -15.69 7.03
CA GLU C 162 -9.82 -15.87 7.76
C GLU C 162 -9.53 -17.36 7.99
N GLY C 163 -10.50 -18.25 7.76
CA GLY C 163 -10.34 -19.67 8.09
C GLY C 163 -10.47 -20.55 6.87
N THR C 164 -11.69 -21.01 6.63
CA THR C 164 -12.05 -21.92 5.58
C THR C 164 -11.51 -21.43 4.23
N CYS C 165 -11.68 -20.14 3.94
CA CYS C 165 -11.23 -19.59 2.64
C CYS C 165 -9.76 -19.92 2.40
N VAL C 166 -8.93 -19.59 3.41
CA VAL C 166 -7.48 -19.79 3.41
C VAL C 166 -7.15 -21.30 3.30
N GLU C 167 -7.88 -22.14 4.02
CA GLU C 167 -7.69 -23.61 3.95
C GLU C 167 -7.91 -24.16 2.54
N TRP C 168 -8.98 -23.71 1.85
CA TRP C 168 -9.27 -24.10 0.48
C TRP C 168 -8.13 -23.63 -0.42
N LEU C 169 -7.71 -22.37 -0.27
CA LEU C 169 -6.71 -21.77 -1.16
C LEU C 169 -5.42 -22.61 -1.04
N ARG C 170 -5.05 -22.97 0.19
CA ARG C 170 -3.85 -23.79 0.42
C ARG C 170 -4.00 -25.18 -0.20
N ARG C 171 -5.16 -25.80 -0.03
CA ARG C 171 -5.40 -27.11 -0.67
C ARG C 171 -5.19 -27.05 -2.21
N TYR C 172 -5.81 -26.06 -2.83
CA TYR C 172 -5.78 -25.91 -4.29
C TYR C 172 -4.36 -25.60 -4.76
N LEU C 173 -3.66 -24.77 -4.00
CA LEU C 173 -2.32 -24.41 -4.41
C LEU C 173 -1.43 -25.66 -4.45
N GLU C 174 -1.67 -26.58 -3.52
CA GLU C 174 -0.90 -27.80 -3.50
C GLU C 174 -1.33 -28.78 -4.60
N ASN C 175 -2.65 -29.00 -4.72
CA ASN C 175 -3.21 -29.95 -5.63
C ASN C 175 -2.95 -29.50 -7.07
N GLY C 176 -2.91 -28.18 -7.28
CA GLY C 176 -2.71 -27.59 -8.58
C GLY C 176 -1.30 -27.05 -8.78
N LYS C 177 -0.32 -27.53 -8.02
CA LYS C 177 0.96 -26.81 -7.93
C LYS C 177 1.68 -26.66 -9.28
N GLU C 178 1.53 -27.63 -10.19
N GLU C 178 1.50 -27.66 -10.16
CA GLU C 178 2.23 -27.54 -11.49
CA GLU C 178 2.05 -27.73 -11.53
C GLU C 178 1.72 -26.33 -12.29
C GLU C 178 1.65 -26.49 -12.36
N THR C 179 0.42 -25.99 -12.16
CA THR C 179 -0.11 -24.78 -12.86
C THR C 179 0.05 -23.53 -11.99
N LEU C 180 -0.40 -23.61 -10.72
CA LEU C 180 -0.57 -22.47 -9.86
C LEU C 180 0.73 -21.95 -9.25
N GLN C 181 1.72 -22.83 -9.03
CA GLN C 181 2.98 -22.44 -8.38
C GLN C 181 4.06 -22.43 -9.45
N ARG C 182 3.73 -21.89 -10.63
CA ARG C 182 4.68 -21.76 -11.71
C ARG C 182 4.89 -20.26 -11.94
N THR C 183 6.05 -19.93 -12.46
CA THR C 183 6.25 -18.62 -13.10
C THR C 183 6.75 -18.89 -14.52
N ASP C 184 6.07 -18.28 -15.49
CA ASP C 184 6.52 -18.26 -16.88
C ASP C 184 6.94 -16.81 -17.18
N ALA C 185 8.25 -16.61 -17.38
CA ALA C 185 8.82 -15.30 -17.69
C ALA C 185 8.27 -14.84 -19.04
N PRO C 186 7.98 -13.53 -19.22
CA PRO C 186 7.61 -13.04 -20.55
C PRO C 186 8.73 -13.17 -21.59
N LYS C 187 8.38 -13.60 -22.80
N LYS C 187 8.35 -13.58 -22.79
CA LYS C 187 9.27 -13.49 -23.94
CA LYS C 187 9.22 -13.49 -23.97
C LYS C 187 9.00 -12.12 -24.57
C LYS C 187 8.99 -12.09 -24.59
N THR C 188 10.04 -11.27 -24.58
CA THR C 188 9.87 -9.83 -24.93
C THR C 188 10.54 -9.49 -26.25
N HIS C 189 9.95 -8.50 -26.90
CA HIS C 189 10.59 -7.92 -28.12
C HIS C 189 9.91 -6.58 -28.38
N MET C 190 10.45 -5.80 -29.31
CA MET C 190 9.78 -4.59 -29.78
C MET C 190 9.62 -4.68 -31.30
N THR C 191 8.50 -4.18 -31.82
CA THR C 191 8.28 -3.98 -33.25
C THR C 191 8.30 -2.50 -33.62
N HIS C 192 8.62 -2.27 -34.89
CA HIS C 192 8.71 -0.94 -35.52
C HIS C 192 7.86 -0.99 -36.79
N HIS C 193 6.94 -0.01 -36.96
CA HIS C 193 6.19 0.07 -38.19
C HIS C 193 6.09 1.53 -38.61
N ALA C 194 6.43 1.84 -39.87
CA ALA C 194 6.37 3.23 -40.30
C ALA C 194 4.91 3.53 -40.59
N VAL C 195 4.37 4.55 -39.91
CA VAL C 195 3.01 5.02 -40.08
C VAL C 195 2.96 5.93 -41.31
N SER C 196 4.13 6.54 -41.60
CA SER C 196 4.33 7.47 -42.69
C SER C 196 5.84 7.66 -42.88
N ASP C 197 6.20 8.69 -43.65
CA ASP C 197 7.58 9.04 -43.93
C ASP C 197 8.26 9.67 -42.70
N HIS C 198 7.47 10.15 -41.72
CA HIS C 198 8.04 10.94 -40.65
C HIS C 198 7.73 10.37 -39.24
N GLU C 199 6.89 9.34 -39.10
CA GLU C 199 6.66 8.77 -37.76
C GLU C 199 6.52 7.25 -37.85
N ALA C 200 6.84 6.62 -36.70
CA ALA C 200 6.88 5.17 -36.55
C ALA C 200 6.16 4.77 -35.26
N THR C 201 5.44 3.65 -35.31
CA THR C 201 4.90 3.01 -34.15
C THR C 201 5.94 2.07 -33.58
N LEU C 202 6.29 2.28 -32.30
CA LEU C 202 7.14 1.32 -31.57
C LEU C 202 6.23 0.61 -30.55
N ARG C 203 6.27 -0.72 -30.63
CA ARG C 203 5.39 -1.56 -29.85
C ARG C 203 6.26 -2.55 -29.07
N CYS C 204 6.15 -2.52 -27.73
CA CYS C 204 6.86 -3.36 -26.83
C CYS C 204 5.96 -4.51 -26.39
N TRP C 205 6.43 -5.74 -26.57
CA TRP C 205 5.60 -6.96 -26.48
C TRP C 205 6.10 -7.81 -25.31
N ALA C 206 5.13 -8.37 -24.58
CA ALA C 206 5.36 -9.40 -23.59
C ALA C 206 4.41 -10.55 -23.87
N LEU C 207 5.01 -11.74 -24.13
CA LEU C 207 4.24 -12.91 -24.50
C LEU C 207 4.51 -14.11 -23.59
N SER C 208 3.49 -14.98 -23.49
N SER C 208 3.46 -14.93 -23.47
CA SER C 208 3.65 -16.31 -22.85
CA SER C 208 3.60 -16.27 -22.85
C SER C 208 4.04 -16.19 -21.36
C SER C 208 3.99 -16.20 -21.37
N PHE C 209 3.44 -15.24 -20.62
CA PHE C 209 3.78 -15.09 -19.19
C PHE C 209 2.66 -15.48 -18.25
N TYR C 210 3.11 -15.77 -17.01
CA TYR C 210 2.30 -16.20 -15.89
C TYR C 210 3.11 -15.98 -14.61
N PRO C 211 2.48 -15.33 -13.61
CA PRO C 211 1.11 -14.87 -13.60
C PRO C 211 0.86 -13.60 -14.43
N ALA C 212 -0.38 -13.11 -14.40
CA ALA C 212 -0.84 -11.99 -15.29
C ALA C 212 -0.17 -10.66 -14.91
N GLU C 213 0.13 -10.42 -13.63
CA GLU C 213 0.66 -9.10 -13.21
C GLU C 213 1.99 -8.85 -13.96
N ILE C 214 2.07 -7.66 -14.57
CA ILE C 214 3.28 -7.23 -15.26
C ILE C 214 3.28 -5.72 -15.39
N THR C 215 4.47 -5.16 -15.56
CA THR C 215 4.59 -3.75 -15.90
C THR C 215 5.41 -3.60 -17.17
N LEU C 216 4.83 -2.83 -18.10
CA LEU C 216 5.50 -2.40 -19.36
C LEU C 216 5.44 -0.88 -19.41
N THR C 217 6.59 -0.26 -19.60
CA THR C 217 6.64 1.14 -19.77
C THR C 217 7.69 1.55 -20.81
N TRP C 218 7.45 2.74 -21.37
CA TRP C 218 8.38 3.34 -22.28
C TRP C 218 9.10 4.50 -21.59
N GLN C 219 10.36 4.73 -21.98
CA GLN C 219 11.12 5.93 -21.61
C GLN C 219 11.75 6.50 -22.86
N ARG C 220 11.89 7.84 -22.86
CA ARG C 220 12.57 8.59 -23.86
C ARG C 220 13.76 9.32 -23.21
N ASP C 221 14.97 8.92 -23.58
CA ASP C 221 16.20 9.36 -22.87
C ASP C 221 16.03 9.23 -21.35
N GLY C 222 15.44 8.12 -20.89
CA GLY C 222 15.26 7.81 -19.47
C GLY C 222 14.05 8.49 -18.82
N GLU C 223 13.31 9.31 -19.58
CA GLU C 223 12.14 10.03 -19.03
C GLU C 223 10.87 9.23 -19.34
N ASP C 224 10.03 9.15 -18.32
CA ASP C 224 8.63 8.73 -18.37
C ASP C 224 7.89 9.20 -19.62
N GLN C 225 7.23 8.24 -20.31
CA GLN C 225 6.37 8.50 -21.47
C GLN C 225 4.93 8.00 -21.24
N THR C 226 4.43 8.08 -20.01
CA THR C 226 3.11 7.52 -19.67
C THR C 226 1.98 8.07 -20.55
N GLN C 227 1.95 9.40 -20.70
CA GLN C 227 0.84 10.05 -21.41
C GLN C 227 0.90 9.78 -22.89
N ASP C 228 2.07 9.38 -23.40
CA ASP C 228 2.14 9.15 -24.82
C ASP C 228 2.08 7.64 -25.12
N THR C 229 1.92 6.81 -24.08
CA THR C 229 1.91 5.36 -24.27
C THR C 229 0.47 4.84 -24.42
N GLU C 230 0.23 3.98 -25.42
CA GLU C 230 -0.96 3.23 -25.49
C GLU C 230 -0.69 1.87 -24.88
N LEU C 231 -1.40 1.54 -23.79
CA LEU C 231 -1.18 0.31 -23.03
C LEU C 231 -2.45 -0.51 -23.13
N VAL C 232 -2.43 -1.68 -23.78
CA VAL C 232 -3.64 -2.50 -23.85
C VAL C 232 -3.75 -3.33 -22.56
N GLU C 233 -4.97 -3.75 -22.30
CA GLU C 233 -5.32 -4.63 -21.22
C GLU C 233 -4.60 -5.97 -21.41
N THR C 234 -4.06 -6.48 -20.31
CA THR C 234 -3.46 -7.81 -20.30
C THR C 234 -4.51 -8.82 -20.77
N ARG C 235 -4.09 -9.69 -21.69
CA ARG C 235 -5.07 -10.58 -22.37
C ARG C 235 -4.63 -12.03 -22.27
N PRO C 236 -5.59 -12.94 -22.19
CA PRO C 236 -5.26 -14.38 -22.15
C PRO C 236 -4.87 -14.97 -23.51
N ALA C 237 -3.81 -15.77 -23.56
CA ALA C 237 -3.46 -16.45 -24.80
C ALA C 237 -4.40 -17.63 -25.07
N GLY C 238 -5.04 -18.14 -24.02
CA GLY C 238 -5.94 -19.29 -24.14
C GLY C 238 -5.35 -20.56 -23.54
N ASP C 239 -4.01 -20.59 -23.36
CA ASP C 239 -3.19 -21.74 -22.91
C ASP C 239 -2.74 -21.60 -21.46
N GLY C 240 -3.33 -20.65 -20.72
CA GLY C 240 -2.99 -20.42 -19.33
C GLY C 240 -1.91 -19.37 -19.16
N THR C 241 -1.44 -18.78 -20.28
CA THR C 241 -0.50 -17.70 -20.24
C THR C 241 -1.18 -16.41 -20.75
N PHE C 242 -0.46 -15.29 -20.58
CA PHE C 242 -0.95 -13.94 -20.89
C PHE C 242 0.03 -13.21 -21.82
N GLN C 243 -0.54 -12.15 -22.38
CA GLN C 243 0.13 -11.29 -23.32
C GLN C 243 -0.20 -9.84 -22.98
N LYS C 244 0.70 -8.91 -23.33
CA LYS C 244 0.41 -7.49 -23.24
C LYS C 244 1.38 -6.73 -24.17
N TRP C 245 0.89 -5.55 -24.60
CA TRP C 245 1.80 -4.62 -25.30
C TRP C 245 1.54 -3.17 -24.92
N VAL C 246 2.57 -2.39 -25.21
CA VAL C 246 2.59 -0.96 -25.03
C VAL C 246 3.19 -0.31 -26.26
N ALA C 247 2.55 0.75 -26.75
CA ALA C 247 3.08 1.41 -27.94
C ALA C 247 3.22 2.92 -27.76
N VAL C 248 4.18 3.46 -28.50
CA VAL C 248 4.37 4.91 -28.68
C VAL C 248 4.56 5.21 -30.15
N VAL C 249 4.14 6.42 -30.57
CA VAL C 249 4.33 6.87 -31.92
C VAL C 249 5.37 7.98 -31.86
N VAL C 250 6.47 7.80 -32.61
CA VAL C 250 7.65 8.58 -32.48
C VAL C 250 8.06 9.15 -33.82
N PRO C 251 8.80 10.26 -33.79
CA PRO C 251 9.37 10.72 -35.04
C PRO C 251 10.45 9.77 -35.56
N SER C 252 10.38 9.47 -36.86
CA SER C 252 11.32 8.62 -37.53
C SER C 252 12.71 9.19 -37.30
N GLY C 253 13.65 8.31 -36.89
CA GLY C 253 15.00 8.60 -36.62
C GLY C 253 15.33 8.76 -35.16
N GLN C 254 14.32 8.92 -34.29
CA GLN C 254 14.53 9.04 -32.86
C GLN C 254 14.41 7.68 -32.13
N GLU C 255 14.30 6.59 -32.87
CA GLU C 255 14.09 5.25 -32.22
C GLU C 255 15.09 4.97 -31.10
N GLN C 256 16.36 5.37 -31.26
CA GLN C 256 17.40 5.01 -30.30
C GLN C 256 17.17 5.68 -28.94
N ARG C 257 16.37 6.74 -28.87
CA ARG C 257 16.07 7.45 -27.63
C ARG C 257 15.08 6.66 -26.75
N TYR C 258 14.37 5.71 -27.39
CA TYR C 258 13.25 5.04 -26.73
C TYR C 258 13.66 3.64 -26.27
N THR C 259 13.28 3.36 -25.04
CA THR C 259 13.51 2.09 -24.39
C THR C 259 12.22 1.59 -23.76
N CYS C 260 12.04 0.25 -23.84
CA CYS C 260 10.96 -0.41 -23.17
C CYS C 260 11.49 -1.13 -21.92
N HIS C 261 10.72 -1.05 -20.85
CA HIS C 261 11.06 -1.58 -19.54
C HIS C 261 10.00 -2.59 -19.13
N VAL C 262 10.46 -3.80 -18.75
CA VAL C 262 9.58 -4.86 -18.38
C VAL C 262 9.93 -5.39 -16.99
N GLN C 263 8.89 -5.48 -16.17
CA GLN C 263 8.95 -6.11 -14.87
C GLN C 263 7.91 -7.23 -14.77
N HIS C 264 8.37 -8.35 -14.21
CA HIS C 264 7.59 -9.56 -14.01
C HIS C 264 8.34 -10.48 -13.02
N GLU C 265 7.58 -11.21 -12.19
CA GLU C 265 8.23 -12.09 -11.15
C GLU C 265 9.08 -13.21 -11.78
N GLY C 266 8.86 -13.58 -13.05
CA GLY C 266 9.67 -14.52 -13.81
C GLY C 266 11.03 -13.98 -14.23
N LEU C 267 11.23 -12.67 -14.10
CA LEU C 267 12.44 -12.03 -14.52
C LEU C 267 13.35 -11.83 -13.31
N PRO C 268 14.57 -12.40 -13.32
CA PRO C 268 15.52 -12.19 -12.23
C PRO C 268 15.75 -10.69 -11.99
N LYS C 269 15.80 -9.92 -13.09
CA LYS C 269 16.04 -8.49 -13.05
C LYS C 269 15.10 -7.84 -14.07
N PRO C 270 14.56 -6.62 -13.81
CA PRO C 270 13.85 -5.88 -14.87
C PRO C 270 14.66 -5.84 -16.16
N LEU C 271 13.98 -5.98 -17.31
CA LEU C 271 14.59 -5.86 -18.59
C LEU C 271 14.39 -4.48 -19.21
N THR C 272 15.41 -4.03 -19.88
CA THR C 272 15.36 -2.90 -20.75
C THR C 272 15.67 -3.38 -22.17
N LEU C 273 14.73 -3.10 -23.07
CA LEU C 273 14.89 -3.39 -24.52
C LEU C 273 15.21 -2.06 -25.19
N ARG C 274 16.13 -2.15 -26.14
CA ARG C 274 16.67 -0.99 -26.83
C ARG C 274 16.63 -1.19 -28.35
N TRP C 275 16.73 -0.09 -29.07
CA TRP C 275 16.82 -0.03 -30.56
C TRP C 275 18.27 0.16 -31.03
N GLU C 276 19.20 -0.16 -30.14
CA GLU C 276 20.63 -0.07 -30.38
C GLU C 276 20.91 0.65 -31.70
N MET D 1 -28.17 2.59 -15.78
N MET D 1 -27.74 2.84 -14.54
CA MET D 1 -27.51 3.93 -15.57
CA MET D 1 -27.56 3.55 -15.85
C MET D 1 -26.09 3.82 -16.11
C MET D 1 -26.08 3.78 -16.15
N ILE D 2 -25.15 3.27 -15.33
CA ILE D 2 -23.75 3.08 -15.76
C ILE D 2 -23.71 2.19 -17.01
N GLN D 3 -22.87 2.64 -17.93
CA GLN D 3 -22.49 1.82 -19.10
C GLN D 3 -20.99 2.00 -19.31
N ARG D 4 -20.34 0.92 -19.73
N ARG D 4 -20.33 0.93 -19.73
CA ARG D 4 -18.95 0.95 -20.08
CA ARG D 4 -18.94 0.94 -20.06
C ARG D 4 -18.79 0.23 -21.42
C ARG D 4 -18.76 0.21 -21.40
N THR D 5 -17.99 0.81 -22.31
CA THR D 5 -17.75 0.30 -23.64
C THR D 5 -16.78 -0.87 -23.65
N PRO D 6 -17.04 -1.93 -24.44
CA PRO D 6 -16.05 -3.00 -24.55
C PRO D 6 -14.76 -2.52 -25.24
N LYS D 7 -13.62 -3.01 -24.72
N LYS D 7 -13.62 -2.92 -24.64
CA LYS D 7 -12.31 -2.89 -25.34
CA LYS D 7 -12.32 -2.91 -25.31
C LYS D 7 -11.99 -4.23 -26.00
C LYS D 7 -12.25 -4.23 -26.08
N ILE D 8 -11.82 -4.18 -27.33
CA ILE D 8 -11.78 -5.38 -28.17
C ILE D 8 -10.35 -5.62 -28.67
N GLN D 9 -9.87 -6.83 -28.50
CA GLN D 9 -8.58 -7.19 -29.05
C GLN D 9 -8.72 -8.50 -29.80
N VAL D 10 -8.19 -8.53 -31.03
CA VAL D 10 -8.24 -9.75 -31.81
C VAL D 10 -6.82 -10.17 -32.19
N TYR D 11 -6.47 -11.42 -31.88
CA TYR D 11 -5.07 -11.84 -31.88
C TYR D 11 -5.00 -13.35 -31.88
N SER D 12 -3.84 -13.87 -32.30
CA SER D 12 -3.58 -15.28 -32.24
C SER D 12 -2.89 -15.64 -30.93
N ARG D 13 -3.06 -16.90 -30.54
CA ARG D 13 -2.40 -17.44 -29.36
C ARG D 13 -0.89 -17.45 -29.55
N HIS D 14 -0.44 -17.95 -30.72
CA HIS D 14 0.94 -18.14 -31.07
C HIS D 14 1.31 -17.26 -32.24
N PRO D 15 2.62 -16.95 -32.43
CA PRO D 15 3.02 -16.18 -33.60
C PRO D 15 2.52 -16.89 -34.86
N ALA D 16 1.81 -16.19 -35.75
CA ALA D 16 1.13 -16.84 -36.87
C ALA D 16 2.13 -17.24 -37.94
N GLU D 17 1.93 -18.44 -38.49
CA GLU D 17 2.67 -18.96 -39.64
C GLU D 17 1.64 -19.58 -40.58
N ASN D 18 1.65 -19.19 -41.84
CA ASN D 18 0.70 -19.66 -42.81
C ASN D 18 0.75 -21.19 -42.92
N GLY D 19 -0.42 -21.83 -42.86
CA GLY D 19 -0.56 -23.29 -42.96
C GLY D 19 -0.32 -24.01 -41.65
N LYS D 20 -0.04 -23.27 -40.56
CA LYS D 20 0.20 -23.87 -39.25
C LYS D 20 -0.97 -23.58 -38.31
N SER D 21 -1.57 -24.66 -37.84
CA SER D 21 -2.72 -24.56 -36.96
C SER D 21 -2.38 -23.73 -35.71
N ASN D 22 -3.37 -22.93 -35.28
CA ASN D 22 -3.18 -21.89 -34.24
C ASN D 22 -4.58 -21.70 -33.61
N PHE D 23 -4.68 -20.67 -32.74
CA PHE D 23 -5.91 -20.31 -32.12
C PHE D 23 -6.13 -18.81 -32.28
N LEU D 24 -7.34 -18.47 -32.68
CA LEU D 24 -7.80 -17.09 -32.92
C LEU D 24 -8.66 -16.70 -31.73
N ASN D 25 -8.30 -15.56 -31.15
CA ASN D 25 -8.84 -15.00 -29.88
C ASN D 25 -9.49 -13.66 -30.19
N CYS D 26 -10.66 -13.45 -29.62
CA CYS D 26 -11.18 -12.10 -29.47
C CYS D 26 -11.52 -11.89 -27.98
N TYR D 27 -10.76 -10.98 -27.38
CA TYR D 27 -10.90 -10.69 -25.97
C TYR D 27 -11.64 -9.36 -25.86
N VAL D 28 -12.76 -9.36 -25.14
CA VAL D 28 -13.57 -8.20 -24.94
C VAL D 28 -13.58 -7.92 -23.44
N SER D 29 -13.17 -6.72 -23.05
CA SER D 29 -13.04 -6.39 -21.62
C SER D 29 -13.57 -4.99 -21.35
N GLY D 30 -13.86 -4.77 -20.06
CA GLY D 30 -14.17 -3.48 -19.56
C GLY D 30 -15.58 -3.04 -19.84
N PHE D 31 -16.51 -3.95 -20.08
CA PHE D 31 -17.87 -3.58 -20.51
C PHE D 31 -18.89 -3.70 -19.38
N HIS D 32 -19.99 -2.93 -19.48
CA HIS D 32 -21.12 -3.05 -18.59
C HIS D 32 -22.29 -2.36 -19.27
N PRO D 33 -23.48 -2.97 -19.33
CA PRO D 33 -23.86 -4.22 -18.66
C PRO D 33 -23.38 -5.45 -19.42
N SER D 34 -23.72 -6.67 -18.97
CA SER D 34 -23.10 -7.94 -19.45
C SER D 34 -23.62 -8.40 -20.82
N ASP D 35 -24.81 -7.97 -21.28
CA ASP D 35 -25.34 -8.49 -22.56
C ASP D 35 -24.40 -7.98 -23.66
N ILE D 36 -23.82 -8.92 -24.43
CA ILE D 36 -22.91 -8.55 -25.52
C ILE D 36 -23.03 -9.61 -26.61
N GLU D 37 -22.84 -9.13 -27.85
CA GLU D 37 -22.79 -10.04 -29.01
C GLU D 37 -21.38 -10.04 -29.57
N VAL D 38 -20.77 -11.25 -29.65
CA VAL D 38 -19.40 -11.34 -30.19
C VAL D 38 -19.36 -12.46 -31.25
N ASP D 39 -18.91 -12.13 -32.45
CA ASP D 39 -18.66 -13.13 -33.49
C ASP D 39 -17.23 -13.02 -34.01
N LEU D 40 -16.59 -14.18 -34.23
CA LEU D 40 -15.33 -14.27 -35.01
C LEU D 40 -15.74 -14.51 -36.47
N LEU D 41 -15.12 -13.75 -37.36
CA LEU D 41 -15.43 -13.76 -38.81
C LEU D 41 -14.20 -14.24 -39.57
N LYS D 42 -14.47 -15.05 -40.60
CA LYS D 42 -13.49 -15.41 -41.62
C LYS D 42 -14.07 -14.97 -42.96
N ASN D 43 -13.38 -14.04 -43.61
CA ASN D 43 -13.79 -13.41 -44.84
C ASN D 43 -15.24 -12.92 -44.76
N GLY D 44 -15.58 -12.23 -43.67
CA GLY D 44 -16.88 -11.61 -43.46
C GLY D 44 -17.96 -12.57 -42.98
N GLU D 45 -17.68 -13.84 -42.77
CA GLU D 45 -18.70 -14.83 -42.41
C GLU D 45 -18.46 -15.35 -40.99
N ARG D 46 -19.52 -15.58 -40.24
CA ARG D 46 -19.42 -16.08 -38.90
C ARG D 46 -18.81 -17.49 -38.92
N ILE D 47 -17.78 -17.70 -38.09
CA ILE D 47 -17.18 -18.99 -37.81
C ILE D 47 -18.09 -19.71 -36.80
N GLU D 48 -18.48 -20.94 -37.11
CA GLU D 48 -19.62 -21.54 -36.40
C GLU D 48 -19.25 -22.06 -35.00
N LYS D 49 -18.13 -22.74 -34.85
CA LYS D 49 -17.96 -23.59 -33.63
C LYS D 49 -17.13 -22.84 -32.55
N VAL D 50 -17.32 -21.52 -32.45
CA VAL D 50 -16.53 -20.63 -31.58
C VAL D 50 -16.93 -20.86 -30.13
N GLU D 51 -15.94 -20.97 -29.26
CA GLU D 51 -16.14 -21.18 -27.81
C GLU D 51 -15.93 -19.85 -27.11
N HIS D 52 -16.45 -19.74 -25.89
CA HIS D 52 -16.20 -18.56 -25.08
C HIS D 52 -16.02 -18.95 -23.61
N SER D 53 -15.35 -18.07 -22.89
CA SER D 53 -15.13 -18.20 -21.50
C SER D 53 -16.42 -17.90 -20.71
N ASP D 54 -16.40 -18.35 -19.45
CA ASP D 54 -17.50 -18.10 -18.54
C ASP D 54 -17.43 -16.62 -18.12
N LEU D 55 -18.58 -15.94 -18.07
CA LEU D 55 -18.65 -14.50 -17.70
C LEU D 55 -18.00 -14.24 -16.34
N SER D 56 -17.05 -13.32 -16.31
CA SER D 56 -16.36 -12.88 -15.13
C SER D 56 -16.18 -11.36 -15.19
N PHE D 57 -15.64 -10.81 -14.12
CA PHE D 57 -15.47 -9.36 -14.03
C PHE D 57 -14.25 -8.97 -13.20
N SER D 58 -13.82 -7.74 -13.45
CA SER D 58 -12.64 -7.12 -12.89
C SER D 58 -12.97 -6.39 -11.59
N LYS D 59 -11.92 -5.81 -11.02
CA LYS D 59 -12.01 -5.10 -9.73
C LYS D 59 -12.96 -3.90 -9.84
N ASP D 60 -13.10 -3.31 -11.03
CA ASP D 60 -13.98 -2.16 -11.25
C ASP D 60 -15.41 -2.61 -11.60
N TRP D 61 -15.70 -3.92 -11.53
CA TRP D 61 -16.99 -4.52 -11.81
C TRP D 61 -17.30 -4.71 -13.31
N SER D 62 -16.44 -4.22 -14.20
CA SER D 62 -16.63 -4.43 -15.60
C SER D 62 -16.34 -5.88 -16.01
N PHE D 63 -17.07 -6.33 -17.02
CA PHE D 63 -17.07 -7.70 -17.47
C PHE D 63 -15.99 -7.94 -18.51
N TYR D 64 -15.56 -9.20 -18.61
CA TYR D 64 -14.64 -9.60 -19.64
C TYR D 64 -15.02 -11.02 -20.11
N LEU D 65 -14.74 -11.27 -21.42
CA LEU D 65 -14.96 -12.57 -22.04
C LEU D 65 -13.89 -12.79 -23.10
N LEU D 66 -13.55 -14.06 -23.30
CA LEU D 66 -12.65 -14.50 -24.35
C LEU D 66 -13.49 -15.36 -25.29
N TYR D 67 -13.48 -15.00 -26.57
CA TYR D 67 -14.09 -15.86 -27.64
C TYR D 67 -12.88 -16.43 -28.42
N TYR D 68 -12.95 -17.71 -28.74
CA TYR D 68 -11.76 -18.36 -29.36
C TYR D 68 -12.19 -19.53 -30.25
N THR D 69 -11.30 -19.80 -31.20
CA THR D 69 -11.43 -20.99 -32.09
C THR D 69 -10.09 -21.38 -32.64
N GLU D 70 -9.95 -22.66 -33.01
N GLU D 70 -9.98 -22.64 -33.06
CA GLU D 70 -8.81 -23.12 -33.80
CA GLU D 70 -8.82 -23.10 -33.78
C GLU D 70 -8.93 -22.46 -35.16
C GLU D 70 -8.92 -22.52 -35.19
N PHE D 71 -7.78 -22.15 -35.77
CA PHE D 71 -7.77 -21.63 -37.10
C PHE D 71 -6.38 -21.88 -37.67
N THR D 72 -6.32 -21.91 -39.00
CA THR D 72 -5.05 -22.07 -39.72
C THR D 72 -4.86 -20.82 -40.57
N PRO D 73 -4.01 -19.84 -40.15
CA PRO D 73 -3.82 -18.62 -40.91
C PRO D 73 -3.30 -18.97 -42.32
N THR D 74 -3.68 -18.15 -43.29
CA THR D 74 -3.18 -18.26 -44.66
C THR D 74 -2.82 -16.85 -45.12
N GLU D 75 -2.22 -16.74 -46.31
CA GLU D 75 -1.88 -15.49 -46.85
C GLU D 75 -3.13 -14.64 -47.12
N LYS D 76 -4.20 -15.26 -47.64
CA LYS D 76 -5.30 -14.48 -48.18
C LYS D 76 -6.52 -14.40 -47.24
N ASP D 77 -6.66 -15.28 -46.26
CA ASP D 77 -7.88 -15.23 -45.43
C ASP D 77 -7.82 -14.09 -44.40
N GLU D 78 -8.92 -13.34 -44.33
CA GLU D 78 -9.05 -12.19 -43.45
C GLU D 78 -9.93 -12.58 -42.25
N TYR D 79 -9.39 -12.37 -41.05
CA TYR D 79 -10.06 -12.68 -39.84
C TYR D 79 -10.39 -11.39 -39.09
N ALA D 80 -11.50 -11.42 -38.33
CA ALA D 80 -11.99 -10.25 -37.61
C ALA D 80 -12.86 -10.69 -36.44
N CYS D 81 -13.19 -9.70 -35.60
CA CYS D 81 -14.11 -9.89 -34.49
C CYS D 81 -15.18 -8.79 -34.59
N ARG D 82 -16.45 -9.18 -34.51
CA ARG D 82 -17.57 -8.21 -34.60
C ARG D 82 -18.33 -8.21 -33.28
N VAL D 83 -18.49 -7.02 -32.70
CA VAL D 83 -19.06 -6.85 -31.40
C VAL D 83 -20.22 -5.87 -31.48
N ASN D 84 -21.32 -6.27 -30.85
CA ASN D 84 -22.38 -5.28 -30.49
C ASN D 84 -22.64 -5.26 -28.98
N HIS D 85 -23.00 -4.08 -28.50
CA HIS D 85 -23.21 -3.78 -27.11
C HIS D 85 -24.13 -2.56 -27.07
N VAL D 86 -24.77 -2.31 -25.93
CA VAL D 86 -25.67 -1.11 -25.85
C VAL D 86 -24.88 0.20 -26.06
N THR D 87 -23.61 0.26 -25.70
CA THR D 87 -22.73 1.43 -25.78
C THR D 87 -22.26 1.73 -27.20
N LEU D 88 -22.49 0.80 -28.13
CA LEU D 88 -22.05 0.93 -29.52
C LEU D 88 -23.27 1.24 -30.38
N SER D 89 -23.18 2.30 -31.18
CA SER D 89 -24.36 2.68 -31.96
C SER D 89 -24.61 1.67 -33.09
N GLN D 90 -23.56 0.98 -33.55
CA GLN D 90 -23.71 -0.12 -34.49
C GLN D 90 -22.60 -1.13 -34.22
N PRO D 91 -22.68 -2.38 -34.71
CA PRO D 91 -21.61 -3.36 -34.53
C PRO D 91 -20.25 -2.78 -34.94
N LYS D 92 -19.23 -3.10 -34.14
CA LYS D 92 -17.86 -2.70 -34.34
C LYS D 92 -17.08 -3.92 -34.85
N ILE D 93 -16.40 -3.74 -35.97
CA ILE D 93 -15.57 -4.82 -36.47
C ILE D 93 -14.09 -4.47 -36.25
N VAL D 94 -13.31 -5.40 -35.66
CA VAL D 94 -11.88 -5.22 -35.50
C VAL D 94 -11.17 -6.34 -36.28
N LYS D 95 -10.31 -5.94 -37.19
CA LYS D 95 -9.61 -6.86 -38.02
C LYS D 95 -8.37 -7.37 -37.29
N TRP D 96 -8.02 -8.63 -37.52
CA TRP D 96 -6.77 -9.21 -37.07
C TRP D 96 -5.62 -8.67 -37.93
N ASP D 97 -4.59 -8.13 -37.28
CA ASP D 97 -3.41 -7.66 -37.90
C ASP D 97 -2.20 -8.41 -37.34
N ARG D 98 -1.65 -9.36 -38.11
CA ARG D 98 -0.56 -10.19 -37.61
C ARG D 98 0.80 -9.46 -37.60
N ASP D 99 0.89 -8.26 -38.15
CA ASP D 99 2.20 -7.53 -38.23
C ASP D 99 2.42 -6.60 -37.04
N MET D 100 1.52 -6.60 -36.07
CA MET D 100 1.66 -5.70 -34.92
C MET D 100 2.88 -6.07 -34.07
C1 EDO E . 13.23 -5.24 24.14
O1 EDO E . 13.08 -6.67 24.27
C2 EDO E . 14.16 -4.69 25.21
O2 EDO E . 15.47 -4.45 24.70
C1 EDO F . 10.41 -11.76 4.19
O1 EDO F . 10.94 -12.18 2.93
C2 EDO F . 9.31 -12.71 4.59
O2 EDO F . 9.83 -13.66 5.54
N GLY G . 13.30 -6.37 7.93
CA GLY G . 14.61 -6.84 7.51
C GLY G . 15.28 -5.77 6.68
O GLY G . 14.65 -5.20 5.79
N MET H . 16.53 -5.46 7.05
CA MET H . 17.24 -4.31 6.48
C MET H . 17.89 -4.66 5.14
O MET H . 17.75 -5.84 4.65
CB MET H . 18.22 -3.72 7.49
CG MET H . 19.45 -4.49 7.76
SD MET H . 20.51 -3.57 8.94
CE MET H . 19.45 -3.55 10.38
OXT MET H . 18.38 -3.68 4.50
N GLY I . 30.26 2.58 -1.00
CA GLY I . 29.92 3.71 -0.12
C GLY I . 29.94 5.04 -0.87
O GLY I . 29.85 5.08 -2.10
N MET J . 30.01 6.14 -0.11
CA MET J . 29.71 7.47 -0.62
C MET J . 30.91 7.97 -1.44
O MET J . 31.93 7.29 -1.48
CB MET J . 29.28 8.43 0.52
CG MET J . 27.89 8.07 1.13
SD MET J . 27.50 8.66 2.85
CE MET J . 26.44 10.07 2.48
OXT MET J . 30.91 8.94 -2.23
CL CL K . 23.90 14.23 9.23
C1 EDO L . -0.35 14.10 30.23
O1 EDO L . 1.00 14.39 30.56
C2 EDO L . -0.94 13.02 31.17
O2 EDO L . -2.27 12.55 30.87
C1 EDO M . -0.90 15.86 34.16
O1 EDO M . -0.36 14.72 34.79
C2 EDO M . -2.24 16.12 34.88
O2 EDO M . -3.19 15.13 34.42
C1 EDO N . 26.90 22.80 26.52
O1 EDO N . 27.03 21.52 25.86
C2 EDO N . 25.91 23.80 25.95
O2 EDO N . 26.73 24.75 25.15
C1 EDO O . 6.36 -10.38 -34.04
O1 EDO O . 7.41 -9.49 -34.49
C2 EDO O . 4.99 -9.76 -33.95
O2 EDO O . 4.93 -8.90 -32.81
C1 EDO P . 4.44 12.37 -20.03
O1 EDO P . 3.85 11.31 -19.27
C2 EDO P . 5.19 11.99 -21.32
O2 EDO P . 4.44 11.10 -22.18
C1 EDO Q . -24.91 2.91 9.40
O1 EDO Q . -25.48 2.08 8.31
C2 EDO Q . -25.29 2.26 10.74
O2 EDO Q . -26.20 2.92 11.73
N GLY R . -13.33 -23.59 -2.31
CA GLY R . -14.73 -23.78 -1.79
C GLY R . -15.38 -22.46 -1.39
O GLY R . -14.78 -21.63 -0.70
N MET S . -16.62 -22.27 -1.83
CA MET S . -17.44 -21.06 -1.65
C MET S . -17.80 -20.85 -0.19
O MET S . -17.76 -21.74 0.67
CB MET S . -18.80 -21.21 -2.31
CG MET S . -18.93 -20.67 -3.67
SD MET S . -20.59 -21.07 -4.24
CE MET S . -20.52 -22.85 -4.06
OXT MET S . -18.32 -19.75 -0.03
N GLY T . -30.66 -11.69 2.86
CA GLY T . -30.37 -10.98 1.58
C GLY T . -30.04 -9.51 1.82
O GLY T . -29.94 -9.03 2.96
N MET U . -29.91 -8.76 0.71
CA MET U . -29.60 -7.35 0.77
C MET U . -30.84 -6.62 1.34
O MET U . -31.90 -7.23 1.57
CB MET U . -29.20 -6.81 -0.60
CG MET U . -27.77 -7.20 -1.03
SD MET U . -27.48 -7.41 -2.82
CE MET U . -26.47 -5.96 -3.14
OXT MET U . -30.79 -5.43 1.65
C1 EDO V . 0.89 -14.07 -30.99
O1 EDO V . 2.20 -14.38 -30.53
C2 EDO V . 0.30 -12.84 -30.26
O2 EDO V . -0.97 -12.46 -30.77
#